data_6DDT
#
_entry.id   6DDT
#
_cell.length_a   80.584
_cell.length_b   65.458
_cell.length_c   104.414
_cell.angle_alpha   90.00
_cell.angle_beta   92.42
_cell.angle_gamma   90.00
#
_symmetry.space_group_name_H-M   'P 1 21 1'
#
loop_
_entity.id
_entity.type
_entity.pdbx_description
1 polymer Beta-mannosidase
2 branched alpha-L-fucopyranose-(1-6)-2-acetamido-2-deoxy-beta-D-glucopyranose
3 branched 2-acetamido-2-deoxy-beta-D-glucopyranose-(1-4)-2-acetamido-2-deoxy-beta-D-glucopyranose
4 branched 2-acetamido-2-deoxy-beta-D-glucopyranose-(1-4)-[alpha-L-fucopyranose-(1-6)]2-acetamido-2-deoxy-beta-D-glucopyranose
5 non-polymer 'CALCIUM ION'
6 non-polymer 2-acetamido-2-deoxy-beta-D-glucopyranose
7 non-polymer 1,2-ETHANEDIOL
8 water water
#
_entity_poly.entity_id   1
_entity_poly.type   'polypeptide(L)'
_entity_poly.pdbx_seq_one_letter_code
;DRHHHHHHKLSYSLSGSWRVSNGNGSLELPATVPGYVHSALHQHGLIQDPYYRFNDLNYRWISLDNWTYSTEFKIPFNLS
EWQKVKLIFDGVDTVAEILFNNVTIGKTDNMFTGYSFDITNVVKDVNSLKLQFRSAVQYAECQSKAHTSYRVPPECPPVE
QKGECHVNFIRKAQCSFSWDWGPSFPSQGIWKDVRIEAYNIAHLDYLTFLPVYDNASQAWNIEIKASFDVASSKSVGGQV
TVAIPQLKTQQTNDIELQQEQRIVKLLVKIRKDVAVETWWPRGHGNQTGYNMTILFALDGGLKIEKAAKVYFRTVQLIEE
GIKGSPGLSFYFKINGLPIFLKGSNWIPADSFQDKVTSDRLQLLFQSVVDANMNTLRVWGGGIYEQDEFYALCDELGIMV
WQDFMFASALYPTEPGFLASVRKEVTYQVRRLKSHPSIIIWSGNNENEVALSVNWFHVNPRDMKTYIDDYVTLYVKNIRK
IVLSEDKSRPFIASSPTNGMKTMEEGWISYDPYSIQYGDIHFYNYADDCWNWKIFPKARLVSEYGYQSWPSFSTLEKVSS
QEDWAYNSRFSLHRQHHEDGNHQMLHQVKMHFKLPQGTDPLRTFKDTIYLTQVMQAQCIKTETEFYLRSRSEIVDGKGHT
MGALYWQLNDIWQAPSWASLEYGGKWKMLHYFARRFFAPLLPVGFEDEGVFYVYGVSDLHKDHHTQLTVRLHHWSSPKPL
CSLVNSSIVVKAGEAVVLFQMPVSELLKRCRGCTRETCVVSFYFSTDKELFSPTNYHFLSSLKDAKGLLEANITVNISQK
GNVFVFDLETSAVAPFVWLDVGSIPGRFSDNGFLMIRKKLSVLFYPWKPTSKSELQQAFSVTSLTDTY
;
_entity_poly.pdbx_strand_id   A
#
loop_
_chem_comp.id
_chem_comp.type
_chem_comp.name
_chem_comp.formula
CA non-polymer 'CALCIUM ION' 'Ca 2'
EDO non-polymer 1,2-ETHANEDIOL 'C2 H6 O2'
FUC L-saccharide, alpha linking alpha-L-fucopyranose 'C6 H12 O5'
NAG D-saccharide, beta linking 2-acetamido-2-deoxy-beta-D-glucopyranose 'C8 H15 N O6'
#
# COMPACT_ATOMS: atom_id res chain seq x y z
N HIS A 7 12.45 2.65 39.02
CA HIS A 7 13.20 3.74 39.66
C HIS A 7 14.59 3.90 39.06
N HIS A 8 15.14 2.79 38.55
CA HIS A 8 16.48 2.76 37.97
C HIS A 8 16.46 2.89 36.46
N LYS A 9 15.53 3.68 35.92
CA LYS A 9 15.41 3.84 34.47
C LYS A 9 15.03 5.28 34.16
N LEU A 10 15.55 5.79 33.05
CA LEU A 10 15.33 7.16 32.64
C LEU A 10 15.38 7.22 31.11
N SER A 11 14.37 7.85 30.51
CA SER A 11 14.31 7.96 29.06
C SER A 11 13.69 9.29 28.68
N TYR A 12 14.29 9.99 27.72
CA TYR A 12 13.68 11.17 27.16
C TYR A 12 14.16 11.34 25.72
N SER A 13 13.35 12.03 24.93
CA SER A 13 13.57 12.17 23.49
C SER A 13 14.48 13.35 23.18
N LEU A 14 15.36 13.16 22.19
CA LEU A 14 16.13 14.25 21.61
C LEU A 14 15.51 14.79 20.35
N SER A 15 14.28 14.37 20.03
CA SER A 15 13.57 14.99 18.93
C SER A 15 13.30 16.45 19.26
N GLY A 16 13.30 17.29 18.24
CA GLY A 16 13.14 18.71 18.42
C GLY A 16 13.91 19.47 17.35
N SER A 17 14.47 20.60 17.75
CA SER A 17 15.15 21.52 16.83
C SER A 17 16.64 21.24 16.85
N TRP A 18 17.15 20.72 15.74
CA TRP A 18 18.57 20.53 15.52
C TRP A 18 19.07 21.59 14.53
N ARG A 19 20.36 21.53 14.24
CA ARG A 19 20.95 22.27 13.15
C ARG A 19 21.31 21.32 12.02
N VAL A 20 21.34 21.83 10.79
CA VAL A 20 21.81 21.05 9.65
C VAL A 20 22.72 21.95 8.83
N SER A 21 23.78 21.36 8.28
CA SER A 21 24.74 22.12 7.50
C SER A 21 25.26 21.25 6.36
N ASN A 22 25.68 21.89 5.28
CA ASN A 22 26.09 21.19 4.08
C ASN A 22 27.58 20.85 4.15
N GLY A 23 28.11 20.31 3.06
CA GLY A 23 29.46 19.77 3.03
C GLY A 23 30.52 20.77 3.45
N ASN A 24 30.60 21.91 2.75
CA ASN A 24 31.63 22.90 3.02
C ASN A 24 31.20 23.94 4.04
N GLY A 25 30.04 23.77 4.66
CA GLY A 25 29.60 24.65 5.73
C GLY A 25 28.96 25.95 5.29
N SER A 26 28.84 26.20 3.99
CA SER A 26 28.24 27.46 3.54
C SER A 26 26.79 27.57 4.00
N LEU A 27 26.06 26.45 4.05
CA LEU A 27 24.67 26.45 4.47
C LEU A 27 24.55 25.90 5.89
N GLU A 28 23.79 26.59 6.72
CA GLU A 28 23.52 26.16 8.10
C GLU A 28 22.19 26.76 8.50
N LEU A 29 21.26 25.92 8.93
CA LEU A 29 19.89 26.35 9.16
C LEU A 29 19.28 25.51 10.26
N PRO A 30 18.15 25.93 10.82
CA PRO A 30 17.43 25.08 11.78
C PRO A 30 16.82 23.88 11.07
N ALA A 31 16.77 22.76 11.78
CA ALA A 31 16.28 21.52 11.19
C ALA A 31 15.56 20.72 12.26
N THR A 32 14.29 20.40 12.01
CA THR A 32 13.52 19.58 12.92
C THR A 32 13.94 18.12 12.81
N VAL A 33 13.95 17.43 13.95
CA VAL A 33 14.17 15.99 13.99
C VAL A 33 12.97 15.36 14.71
N PRO A 34 12.34 14.34 14.11
CA PRO A 34 12.60 13.74 12.79
C PRO A 34 12.44 14.70 11.62
N GLY A 35 13.33 14.61 10.65
CA GLY A 35 13.26 15.48 9.49
C GLY A 35 14.30 15.10 8.46
N TYR A 36 14.17 15.74 7.30
CA TYR A 36 15.10 15.56 6.18
C TYR A 36 15.67 16.91 5.76
N VAL A 37 16.81 16.86 5.06
CA VAL A 37 17.45 18.08 4.57
C VAL A 37 16.50 18.86 3.68
N HIS A 38 15.86 18.18 2.72
CA HIS A 38 15.00 18.88 1.77
C HIS A 38 13.89 19.62 2.51
N SER A 39 13.25 18.97 3.47
CA SER A 39 12.14 19.61 4.18
C SER A 39 12.63 20.72 5.10
N ALA A 40 13.83 20.58 5.67
CA ALA A 40 14.42 21.68 6.43
C ALA A 40 14.70 22.88 5.54
N LEU A 41 15.29 22.65 4.36
CA LEU A 41 15.57 23.75 3.44
C LEU A 41 14.29 24.42 2.97
N HIS A 42 13.30 23.61 2.59
CA HIS A 42 12.01 24.16 2.16
C HIS A 42 11.37 24.97 3.29
N GLN A 43 11.32 24.40 4.48
CA GLN A 43 10.70 25.07 5.62
C GLN A 43 11.37 26.41 5.92
N HIS A 44 12.70 26.45 5.80
CA HIS A 44 13.45 27.67 6.09
C HIS A 44 13.43 28.66 4.94
N GLY A 45 12.70 28.36 3.86
CA GLY A 45 12.59 29.27 2.75
C GLY A 45 13.80 29.33 1.84
N LEU A 46 14.77 28.42 2.01
CA LEU A 46 15.98 28.45 1.20
C LEU A 46 15.80 27.80 -0.16
N ILE A 47 14.77 26.98 -0.35
CA ILE A 47 14.46 26.36 -1.63
C ILE A 47 12.96 26.43 -1.86
N GLN A 48 12.58 26.27 -3.12
CA GLN A 48 11.18 26.10 -3.48
C GLN A 48 10.69 24.70 -3.09
N ASP A 49 9.39 24.49 -3.23
CA ASP A 49 8.81 23.16 -3.15
C ASP A 49 9.57 22.21 -4.08
N PRO A 50 10.24 21.19 -3.55
CA PRO A 50 10.94 20.24 -4.44
C PRO A 50 10.04 19.68 -5.53
N TYR A 51 8.75 19.50 -5.25
CA TYR A 51 7.80 18.96 -6.23
C TYR A 51 7.40 19.95 -7.31
N TYR A 52 7.92 21.17 -7.30
CA TYR A 52 7.53 22.17 -8.29
C TYR A 52 8.26 21.92 -9.61
N ARG A 53 7.47 21.74 -10.68
CA ARG A 53 7.96 21.63 -12.05
C ARG A 53 9.21 20.76 -12.15
N PHE A 54 10.37 21.36 -12.44
CA PHE A 54 11.59 20.62 -12.74
C PHE A 54 12.59 20.63 -11.59
N ASN A 55 12.14 20.86 -10.37
CA ASN A 55 13.09 20.98 -9.28
C ASN A 55 13.72 19.65 -8.89
N ASP A 56 13.18 18.52 -9.34
CA ASP A 56 13.89 17.27 -9.14
C ASP A 56 15.22 17.28 -9.88
N LEU A 57 15.29 17.97 -11.01
CA LEU A 57 16.55 18.18 -11.71
C LEU A 57 17.35 19.33 -11.09
N ASN A 58 16.69 20.45 -10.79
CA ASN A 58 17.38 21.64 -10.31
C ASN A 58 18.00 21.43 -8.93
N TYR A 59 17.38 20.63 -8.07
CA TYR A 59 17.84 20.43 -6.70
C TYR A 59 18.67 19.16 -6.54
N ARG A 60 19.17 18.59 -7.64
CA ARG A 60 20.01 17.41 -7.54
C ARG A 60 21.17 17.64 -6.58
N TRP A 61 21.71 18.86 -6.56
CA TRP A 61 22.87 19.14 -5.72
C TRP A 61 22.62 18.82 -4.24
N ILE A 62 21.36 18.94 -3.79
CA ILE A 62 21.05 18.64 -2.39
C ILE A 62 21.37 17.18 -2.08
N SER A 63 20.94 16.28 -2.95
CA SER A 63 21.12 14.85 -2.72
C SER A 63 22.57 14.41 -2.88
N LEU A 64 23.40 15.22 -3.52
CA LEU A 64 24.77 14.85 -3.79
C LEU A 64 25.76 15.38 -2.76
N ASP A 65 25.36 16.36 -1.96
CA ASP A 65 26.24 16.87 -0.92
C ASP A 65 26.16 15.97 0.31
N ASN A 66 27.05 16.26 1.27
CA ASN A 66 27.12 15.53 2.53
C ASN A 66 26.67 16.47 3.63
N TRP A 67 25.54 16.16 4.25
CA TRP A 67 24.95 17.04 5.25
C TRP A 67 25.20 16.50 6.66
N THR A 68 25.25 17.40 7.63
CA THR A 68 25.47 17.06 9.03
C THR A 68 24.31 17.57 9.86
N TYR A 69 23.70 16.68 10.62
CA TYR A 69 22.74 17.07 11.65
C TYR A 69 23.48 17.22 12.97
N SER A 70 23.31 18.38 13.61
CA SER A 70 24.03 18.71 14.84
C SER A 70 23.07 19.20 15.91
N THR A 71 23.38 18.89 17.16
CA THR A 71 22.65 19.45 18.29
C THR A 71 23.57 19.50 19.50
N GLU A 72 23.30 20.46 20.37
CA GLU A 72 23.96 20.61 21.66
C GLU A 72 22.88 20.56 22.73
N PHE A 73 23.11 19.79 23.79
CA PHE A 73 22.08 19.64 24.80
C PHE A 73 22.72 19.40 26.16
N LYS A 74 21.92 19.67 27.19
CA LYS A 74 22.29 19.46 28.58
C LYS A 74 21.39 18.36 29.13
N ILE A 75 21.99 17.25 29.52
CA ILE A 75 21.25 16.10 30.02
C ILE A 75 20.47 16.50 31.27
N PRO A 76 19.27 15.95 31.50
CA PRO A 76 18.49 16.34 32.68
C PRO A 76 18.71 15.41 33.85
N PHE A 77 19.92 14.89 34.00
CA PHE A 77 20.20 13.97 35.10
C PHE A 77 21.70 13.99 35.41
N ASN A 78 22.04 13.42 36.55
CA ASN A 78 23.40 13.42 37.06
C ASN A 78 24.10 12.12 36.66
N LEU A 79 25.23 12.25 35.95
CA LEU A 79 25.94 11.06 35.48
C LEU A 79 26.28 10.13 36.63
N SER A 80 26.68 10.68 37.77
CA SER A 80 27.19 9.87 38.86
C SER A 80 26.13 8.97 39.47
N GLU A 81 24.86 9.13 39.09
CA GLU A 81 23.77 8.34 39.64
C GLU A 81 23.37 7.16 38.76
N TRP A 82 24.06 6.94 37.63
CA TRP A 82 23.62 5.96 36.65
C TRP A 82 24.80 5.10 36.20
N GLN A 83 24.57 3.78 36.16
CA GLN A 83 25.62 2.87 35.73
C GLN A 83 25.85 2.96 34.22
N LYS A 84 24.77 3.07 33.44
CA LYS A 84 24.88 3.00 31.98
C LYS A 84 23.98 4.05 31.34
N VAL A 85 24.45 4.58 30.22
CA VAL A 85 23.71 5.56 29.41
C VAL A 85 23.81 5.12 27.96
N LYS A 86 22.67 5.11 27.26
CA LYS A 86 22.63 4.69 25.87
C LYS A 86 21.97 5.76 25.01
N LEU A 87 22.40 5.81 23.76
CA LEU A 87 21.81 6.63 22.72
C LEU A 87 21.14 5.72 21.71
N ILE A 88 19.85 5.94 21.46
CA ILE A 88 19.05 5.03 20.64
C ILE A 88 18.43 5.80 19.48
N PHE A 89 18.57 5.23 18.28
CA PHE A 89 17.97 5.77 17.05
C PHE A 89 16.97 4.76 16.51
N ASP A 90 15.72 5.20 16.32
CA ASP A 90 14.74 4.33 15.70
C ASP A 90 14.85 4.30 14.18
N GLY A 91 15.52 5.29 13.57
CA GLY A 91 15.64 5.33 12.12
C GLY A 91 16.53 6.44 11.62
N VAL A 92 17.57 6.07 10.86
CA VAL A 92 18.53 7.01 10.30
C VAL A 92 18.62 6.76 8.79
N ASP A 93 18.51 7.83 8.00
CA ASP A 93 18.47 7.69 6.55
C ASP A 93 19.66 8.39 5.90
N THR A 94 20.74 7.69 5.59
CA THR A 94 20.94 6.25 5.81
C THR A 94 22.35 5.97 6.31
N VAL A 95 23.33 6.52 5.59
CA VAL A 95 24.74 6.32 5.86
C VAL A 95 25.25 7.51 6.64
N ALA A 96 25.79 7.27 7.83
CA ALA A 96 26.24 8.37 8.67
C ALA A 96 27.28 7.88 9.66
N GLU A 97 28.23 8.75 9.96
CA GLU A 97 29.12 8.59 11.10
C GLU A 97 28.58 9.42 12.24
N ILE A 98 28.55 8.84 13.44
CA ILE A 98 27.92 9.46 14.60
C ILE A 98 29.02 9.87 15.57
N LEU A 99 29.15 11.19 15.78
CA LEU A 99 30.14 11.75 16.69
C LEU A 99 29.43 12.26 17.93
N PHE A 100 29.83 11.74 19.10
CA PHE A 100 29.32 12.21 20.39
C PHE A 100 30.47 12.84 21.15
N ASN A 101 30.38 14.16 21.37
CA ASN A 101 31.46 14.93 21.97
C ASN A 101 32.76 14.69 21.22
N ASN A 102 32.67 14.73 19.89
CA ASN A 102 33.80 14.59 19.00
C ASN A 102 34.45 13.21 19.11
N VAL A 103 33.72 12.21 19.60
CA VAL A 103 34.16 10.82 19.59
C VAL A 103 33.22 10.04 18.67
N THR A 104 33.79 9.33 17.71
CA THR A 104 33.01 8.46 16.84
C THR A 104 32.52 7.27 17.66
N ILE A 105 31.21 7.19 17.88
CA ILE A 105 30.62 6.07 18.63
C ILE A 105 29.98 5.03 17.74
N GLY A 106 29.92 5.26 16.44
CA GLY A 106 29.37 4.27 15.53
C GLY A 106 29.06 4.86 14.18
N LYS A 107 28.61 3.97 13.29
CA LYS A 107 28.21 4.34 11.94
C LYS A 107 26.91 3.62 11.60
N THR A 108 26.21 4.14 10.60
CA THR A 108 24.97 3.55 10.11
C THR A 108 25.09 3.29 8.61
N ASP A 109 24.32 2.30 8.13
CA ASP A 109 24.25 2.04 6.70
C ASP A 109 22.90 1.49 6.28
N ASN A 110 21.88 1.60 7.12
CA ASN A 110 20.61 0.91 6.88
C ASN A 110 19.49 1.76 7.45
N MET A 111 18.62 2.22 6.56
CA MET A 111 17.49 3.06 6.93
C MET A 111 16.45 2.31 7.75
N PHE A 112 16.43 0.98 7.71
CA PHE A 112 15.31 0.19 8.21
C PHE A 112 15.64 -0.55 9.50
N THR A 113 16.64 -0.11 10.25
CA THR A 113 17.01 -0.77 11.49
C THR A 113 17.26 0.26 12.58
N GLY A 114 16.85 -0.06 13.80
CA GLY A 114 17.23 0.75 14.94
C GLY A 114 18.69 0.53 15.30
N TYR A 115 19.28 1.56 15.89
CA TYR A 115 20.67 1.52 16.34
C TYR A 115 20.73 1.93 17.81
N SER A 116 21.61 1.27 18.55
CA SER A 116 21.81 1.52 19.97
C SER A 116 23.30 1.68 20.23
N PHE A 117 23.68 2.73 20.94
CA PHE A 117 25.09 3.04 21.18
C PHE A 117 25.30 3.32 22.66
N ASP A 118 26.31 2.68 23.23
CA ASP A 118 26.68 2.88 24.63
C ASP A 118 27.54 4.13 24.72
N ILE A 119 27.04 5.16 25.42
CA ILE A 119 27.75 6.43 25.58
C ILE A 119 28.10 6.68 27.05
N THR A 120 28.18 5.62 27.86
CA THR A 120 28.46 5.79 29.28
C THR A 120 29.76 6.56 29.50
N ASN A 121 30.80 6.25 28.73
CA ASN A 121 32.14 6.77 28.98
C ASN A 121 32.44 8.08 28.24
N VAL A 122 31.49 8.63 27.48
CA VAL A 122 31.77 9.82 26.68
C VAL A 122 30.76 10.91 26.96
N VAL A 123 29.71 10.60 27.69
CA VAL A 123 28.66 11.55 27.98
C VAL A 123 29.12 12.52 29.06
N LYS A 124 28.79 13.79 28.89
CA LYS A 124 29.13 14.85 29.83
C LYS A 124 27.86 15.58 30.23
N ASP A 125 28.02 16.61 31.05
CA ASP A 125 26.86 17.41 31.46
C ASP A 125 26.32 18.24 30.30
N VAL A 126 27.21 18.73 29.45
CA VAL A 126 26.83 19.40 28.20
C VAL A 126 27.49 18.62 27.06
N ASN A 127 26.68 18.26 26.05
CA ASN A 127 27.13 17.35 25.01
C ASN A 127 26.81 17.90 23.62
N SER A 128 27.60 17.44 22.65
CA SER A 128 27.35 17.74 21.25
C SER A 128 27.17 16.43 20.51
N LEU A 129 26.09 16.33 19.73
CA LEU A 129 25.79 15.17 18.92
C LEU A 129 25.77 15.58 17.47
N LYS A 130 26.58 14.93 16.64
CA LYS A 130 26.62 15.18 15.21
C LYS A 130 26.42 13.88 14.46
N LEU A 131 25.53 13.90 13.46
CA LEU A 131 25.39 12.82 12.50
C LEU A 131 25.88 13.34 11.15
N GLN A 132 27.04 12.84 10.72
CA GLN A 132 27.65 13.26 9.47
C GLN A 132 27.19 12.29 8.38
N PHE A 133 26.15 12.68 7.66
CA PHE A 133 25.59 11.85 6.62
C PHE A 133 26.44 11.89 5.35
N ARG A 134 26.38 10.80 4.59
CA ARG A 134 27.01 10.71 3.30
C ARG A 134 25.95 10.65 2.22
N SER A 135 26.17 11.33 1.11
CA SER A 135 25.24 11.29 0.00
C SER A 135 24.88 9.84 -0.33
N ALA A 136 23.58 9.56 -0.35
CA ALA A 136 23.13 8.21 -0.70
C ALA A 136 23.51 7.85 -2.13
N VAL A 137 23.50 8.84 -3.03
CA VAL A 137 23.84 8.58 -4.42
C VAL A 137 25.33 8.26 -4.54
N GLN A 138 26.18 9.13 -3.99
CA GLN A 138 27.61 8.89 -4.04
C GLN A 138 27.98 7.59 -3.32
N TYR A 139 27.38 7.33 -2.16
CA TYR A 139 27.65 6.09 -1.45
C TYR A 139 27.30 4.88 -2.31
N ALA A 140 26.11 4.90 -2.92
CA ALA A 140 25.68 3.77 -3.73
C ALA A 140 26.62 3.52 -4.90
N GLU A 141 27.15 4.58 -5.50
CA GLU A 141 28.06 4.43 -6.63
C GLU A 141 29.40 3.85 -6.16
N CYS A 142 29.95 4.35 -5.07
CA CYS A 142 31.21 3.82 -4.56
C CYS A 142 31.07 2.34 -4.22
N GLN A 143 29.97 1.95 -3.57
CA GLN A 143 29.74 0.54 -3.26
C GLN A 143 29.67 -0.29 -4.54
N SER A 144 29.03 0.24 -5.58
CA SER A 144 28.99 -0.45 -6.86
C SER A 144 30.40 -0.64 -7.41
N LYS A 145 31.23 0.40 -7.33
CA LYS A 145 32.61 0.32 -7.80
C LYS A 145 33.37 -0.77 -7.05
N ALA A 146 33.32 -0.74 -5.72
CA ALA A 146 34.06 -1.71 -4.93
C ALA A 146 33.69 -3.15 -5.26
N HIS A 147 32.48 -3.36 -5.78
CA HIS A 147 32.00 -4.71 -6.10
C HIS A 147 32.55 -5.12 -7.48
N THR A 148 33.86 -5.38 -7.49
CA THR A 148 34.57 -5.60 -8.77
C THR A 148 34.34 -6.99 -9.33
N SER A 149 34.10 -8.00 -8.49
CA SER A 149 34.02 -9.37 -8.99
C SER A 149 32.93 -9.55 -10.03
N TYR A 150 31.88 -8.73 -9.99
CA TYR A 150 30.87 -8.77 -11.05
C TYR A 150 29.83 -7.69 -10.80
N ARG A 151 29.07 -7.40 -11.86
CA ARG A 151 28.04 -6.38 -11.82
C ARG A 151 26.79 -6.92 -11.14
N VAL A 152 25.99 -5.99 -10.60
CA VAL A 152 24.72 -6.34 -9.98
C VAL A 152 23.64 -5.45 -10.58
N PRO A 153 22.85 -5.96 -11.55
CA PRO A 153 21.86 -5.12 -12.23
C PRO A 153 20.55 -4.93 -11.45
N PRO A 154 19.72 -3.96 -11.87
CA PRO A 154 20.03 -2.99 -12.93
C PRO A 154 20.89 -1.84 -12.40
N GLU A 155 21.93 -1.46 -13.14
CA GLU A 155 22.85 -0.45 -12.64
C GLU A 155 22.21 0.94 -12.66
N CYS A 156 21.47 1.27 -13.71
CA CYS A 156 20.86 2.58 -13.82
C CYS A 156 19.40 2.46 -14.25
N PRO A 157 18.55 3.38 -13.82
CA PRO A 157 17.13 3.31 -14.19
C PRO A 157 16.89 3.83 -15.60
N PRO A 158 15.73 3.56 -16.18
CA PRO A 158 15.40 4.12 -17.48
C PRO A 158 15.53 5.64 -17.48
N VAL A 159 15.91 6.18 -18.64
CA VAL A 159 16.12 7.62 -18.77
C VAL A 159 14.86 8.39 -18.44
N GLU A 160 13.69 7.85 -18.78
CA GLU A 160 12.42 8.54 -18.55
C GLU A 160 12.05 8.62 -17.07
N GLN A 161 12.81 8.01 -16.16
CA GLN A 161 12.56 8.16 -14.74
C GLN A 161 13.31 9.33 -14.12
N LYS A 162 14.29 9.90 -14.83
CA LYS A 162 15.08 11.02 -14.33
C LYS A 162 15.59 10.73 -12.90
N GLY A 163 16.31 9.61 -12.77
CA GLY A 163 16.72 9.13 -11.47
C GLY A 163 18.20 8.92 -11.32
N GLU A 164 18.58 8.16 -10.28
CA GLU A 164 19.97 7.91 -9.93
C GLU A 164 20.27 6.42 -9.98
N CYS A 165 21.53 6.09 -10.22
CA CYS A 165 21.97 4.72 -10.43
C CYS A 165 22.28 4.02 -9.10
N HIS A 166 22.18 2.69 -9.12
CA HIS A 166 22.77 1.80 -8.12
C HIS A 166 22.01 1.79 -6.79
N VAL A 167 20.69 2.00 -6.83
CA VAL A 167 19.95 2.00 -5.57
C VAL A 167 20.00 0.64 -4.90
N ASN A 168 20.25 -0.42 -5.65
CA ASN A 168 20.30 -1.75 -5.06
C ASN A 168 21.50 -1.94 -4.14
N PHE A 169 22.47 -1.03 -4.16
CA PHE A 169 23.64 -1.15 -3.30
C PHE A 169 23.50 -0.41 -1.97
N ILE A 170 22.36 0.22 -1.71
CA ILE A 170 22.13 0.91 -0.44
C ILE A 170 20.82 0.42 0.16
N ARG A 171 20.84 0.17 1.47
CA ARG A 171 19.65 -0.29 2.19
C ARG A 171 18.84 0.94 2.58
N LYS A 172 18.09 1.41 1.60
CA LYS A 172 17.28 2.61 1.67
C LYS A 172 16.08 2.37 0.76
N ALA A 173 15.00 3.09 1.01
CA ALA A 173 13.80 2.97 0.17
C ALA A 173 14.18 2.88 -1.29
N GLN A 174 13.87 1.72 -1.91
CA GLN A 174 14.39 1.43 -3.24
C GLN A 174 13.81 2.35 -4.31
N CYS A 175 12.70 3.03 -4.01
CA CYS A 175 12.09 3.97 -4.95
C CYS A 175 12.63 5.40 -4.79
N SER A 176 13.53 5.63 -3.82
CA SER A 176 14.02 6.99 -3.57
C SER A 176 14.95 7.50 -4.65
N PHE A 177 15.47 6.62 -5.52
CA PHE A 177 16.28 7.01 -6.66
C PHE A 177 15.45 7.17 -7.93
N SER A 178 14.13 7.32 -7.78
CA SER A 178 13.14 7.42 -8.85
C SER A 178 12.47 6.07 -9.10
N TRP A 179 11.24 6.12 -9.60
CA TRP A 179 10.52 4.94 -10.04
C TRP A 179 9.65 5.35 -11.23
N ASP A 180 8.96 4.38 -11.82
CA ASP A 180 8.16 4.79 -12.99
C ASP A 180 6.90 5.60 -12.60
N TRP A 181 6.73 5.92 -11.31
CA TRP A 181 5.69 6.86 -10.87
C TRP A 181 6.20 7.86 -9.83
N GLY A 182 7.52 7.91 -9.59
CA GLY A 182 8.05 8.67 -8.48
C GLY A 182 9.35 9.37 -8.81
N PRO A 183 9.64 10.45 -8.10
CA PRO A 183 10.83 11.25 -8.39
C PRO A 183 12.07 10.75 -7.64
N SER A 184 13.19 11.35 -7.99
CA SER A 184 14.48 11.08 -7.33
C SER A 184 14.78 12.24 -6.39
N PHE A 185 14.44 12.07 -5.11
CA PHE A 185 14.86 12.99 -4.05
C PHE A 185 15.56 12.22 -2.94
N PRO A 186 16.61 11.46 -3.26
CA PRO A 186 17.27 10.65 -2.22
C PRO A 186 17.93 11.54 -1.18
N SER A 187 17.22 11.81 -0.09
CA SER A 187 17.62 12.81 0.87
C SER A 187 18.44 12.18 2.00
N GLN A 188 18.80 13.00 2.97
CA GLN A 188 19.47 12.57 4.20
C GLN A 188 18.69 13.12 5.38
N GLY A 189 18.55 12.32 6.44
CA GLY A 189 17.81 12.80 7.59
C GLY A 189 17.71 11.74 8.67
N ILE A 190 17.33 12.22 9.86
CA ILE A 190 16.97 11.36 10.98
C ILE A 190 15.45 11.24 10.92
N TRP A 191 14.97 10.12 10.39
CA TRP A 191 13.56 10.04 10.03
C TRP A 191 12.69 9.41 11.10
N LYS A 192 13.27 9.03 12.24
CA LYS A 192 12.52 8.52 13.38
C LYS A 192 13.09 9.14 14.66
N ASP A 193 12.47 8.77 15.78
CA ASP A 193 12.80 9.35 17.08
C ASP A 193 14.23 9.00 17.50
N VAL A 194 14.81 9.88 18.32
CA VAL A 194 16.10 9.67 18.96
C VAL A 194 15.91 9.87 20.45
N ARG A 195 16.55 9.01 21.25
CA ARG A 195 16.37 9.01 22.70
C ARG A 195 17.68 8.81 23.42
N ILE A 196 17.79 9.44 24.60
CA ILE A 196 18.77 9.09 25.62
C ILE A 196 18.08 8.19 26.62
N GLU A 197 18.75 7.11 27.02
CA GLU A 197 18.18 6.18 28.00
C GLU A 197 19.27 5.73 28.95
N ALA A 198 19.15 6.10 30.22
CA ALA A 198 20.08 5.70 31.27
C ALA A 198 19.41 4.73 32.22
N TYR A 199 20.21 3.90 32.87
CA TYR A 199 19.64 2.86 33.71
C TYR A 199 20.71 2.30 34.65
N ASN A 200 20.23 1.66 35.71
CA ASN A 200 21.02 0.74 36.50
C ASN A 200 20.39 -0.64 36.41
N ILE A 201 21.19 -1.67 36.73
CA ILE A 201 20.71 -3.04 36.84
C ILE A 201 20.48 -3.66 35.46
N ALA A 202 19.49 -3.18 34.71
CA ALA A 202 19.18 -3.78 33.42
C ALA A 202 18.46 -2.77 32.54
N HIS A 203 18.44 -3.08 31.24
CA HIS A 203 17.78 -2.25 30.22
C HIS A 203 17.09 -3.15 29.21
N LEU A 204 15.81 -2.89 28.96
CA LEU A 204 15.03 -3.71 28.04
C LEU A 204 15.37 -3.31 26.61
N ASP A 205 16.14 -4.16 25.91
CA ASP A 205 16.54 -3.86 24.54
C ASP A 205 15.36 -3.95 23.58
N TYR A 206 14.54 -4.98 23.72
CA TYR A 206 13.33 -5.12 22.92
C TYR A 206 12.43 -6.14 23.59
N LEU A 207 11.14 -6.06 23.27
CA LEU A 207 10.18 -7.08 23.66
C LEU A 207 9.27 -7.35 22.48
N THR A 208 9.01 -8.63 22.22
CA THR A 208 8.15 -9.03 21.13
C THR A 208 7.27 -10.18 21.60
N PHE A 209 6.08 -10.29 21.02
CA PHE A 209 5.15 -11.36 21.39
C PHE A 209 4.41 -11.84 20.16
N LEU A 210 3.81 -13.01 20.29
CA LEU A 210 3.18 -13.68 19.16
C LEU A 210 2.01 -14.52 19.66
N PRO A 211 0.76 -14.09 19.42
CA PRO A 211 -0.39 -14.95 19.77
C PRO A 211 -0.54 -16.07 18.76
N VAL A 212 -0.60 -17.30 19.25
CA VAL A 212 -0.71 -18.49 18.40
C VAL A 212 -1.82 -19.39 18.92
N TYR A 213 -2.37 -20.19 18.02
CA TYR A 213 -3.39 -21.16 18.34
C TYR A 213 -2.80 -22.56 18.18
N ASP A 214 -2.94 -23.38 19.21
CA ASP A 214 -2.46 -24.77 19.17
C ASP A 214 -3.62 -25.65 18.76
N ASN A 215 -3.62 -26.09 17.50
CA ASN A 215 -4.62 -27.06 17.06
C ASN A 215 -4.59 -28.30 17.95
N ALA A 216 -3.41 -28.64 18.47
CA ALA A 216 -3.29 -29.77 19.40
C ALA A 216 -4.12 -29.52 20.66
N SER A 217 -3.82 -28.42 21.35
CA SER A 217 -4.50 -28.08 22.59
C SER A 217 -5.85 -27.41 22.39
N GLN A 218 -6.17 -26.99 21.16
CA GLN A 218 -7.38 -26.20 20.90
C GLN A 218 -7.45 -25.01 21.86
N ALA A 219 -6.29 -24.41 22.14
CA ALA A 219 -6.17 -23.31 23.07
C ALA A 219 -5.32 -22.21 22.46
N TRP A 220 -5.45 -21.02 23.03
CA TRP A 220 -4.66 -19.86 22.62
C TRP A 220 -3.48 -19.67 23.56
N ASN A 221 -2.34 -19.28 22.99
CA ASN A 221 -1.13 -19.00 23.75
C ASN A 221 -0.54 -17.69 23.27
N ILE A 222 0.36 -17.15 24.08
CA ILE A 222 1.13 -15.95 23.73
C ILE A 222 2.59 -16.22 24.03
N GLU A 223 3.39 -16.39 22.98
CA GLU A 223 4.84 -16.49 23.13
C GLU A 223 5.43 -15.09 23.28
N ILE A 224 6.23 -14.90 24.33
CA ILE A 224 6.87 -13.62 24.59
C ILE A 224 8.38 -13.82 24.63
N LYS A 225 9.11 -12.90 24.02
CA LYS A 225 10.57 -12.91 24.07
C LYS A 225 11.06 -11.51 24.38
N ALA A 226 11.94 -11.40 25.36
CA ALA A 226 12.52 -10.12 25.75
C ALA A 226 14.02 -10.27 25.91
N SER A 227 14.76 -9.28 25.41
CA SER A 227 16.21 -9.23 25.56
C SER A 227 16.60 -8.04 26.41
N PHE A 228 17.51 -8.27 27.35
CA PHE A 228 17.96 -7.24 28.28
C PHE A 228 19.46 -7.01 28.10
N ASP A 229 19.88 -5.77 28.33
CA ASP A 229 21.29 -5.48 28.56
C ASP A 229 21.49 -5.30 30.06
N VAL A 230 22.30 -6.17 30.66
CA VAL A 230 22.54 -6.13 32.09
C VAL A 230 23.70 -5.19 32.37
N ALA A 231 23.55 -4.37 33.41
CA ALA A 231 24.55 -3.33 33.69
C ALA A 231 25.90 -3.93 34.03
N SER A 232 25.93 -4.89 34.96
CA SER A 232 27.19 -5.42 35.49
C SER A 232 27.32 -6.90 35.12
N SER A 233 28.39 -7.51 35.65
CA SER A 233 28.67 -8.92 35.43
C SER A 233 27.90 -9.82 36.39
N LYS A 234 27.12 -9.26 37.31
CA LYS A 234 26.40 -10.06 38.28
C LYS A 234 25.07 -10.55 37.70
N SER A 235 24.42 -11.43 38.45
CA SER A 235 23.20 -12.08 38.00
C SER A 235 22.00 -11.38 38.61
N VAL A 236 21.15 -10.81 37.74
CA VAL A 236 19.94 -10.12 38.17
C VAL A 236 18.80 -11.13 38.23
N GLY A 237 18.07 -11.13 39.35
CA GLY A 237 16.89 -11.95 39.51
C GLY A 237 15.63 -11.09 39.56
N GLY A 238 14.49 -11.77 39.55
CA GLY A 238 13.23 -11.09 39.63
C GLY A 238 12.09 -11.97 39.16
N GLN A 239 10.94 -11.33 38.93
CA GLN A 239 9.75 -12.01 38.45
C GLN A 239 9.16 -11.22 37.30
N VAL A 240 8.22 -11.86 36.61
CA VAL A 240 7.50 -11.25 35.49
C VAL A 240 6.05 -11.68 35.57
N THR A 241 5.13 -10.71 35.57
CA THR A 241 3.71 -10.99 35.59
C THR A 241 3.09 -10.51 34.29
N VAL A 242 2.49 -11.42 33.54
CA VAL A 242 1.72 -11.09 32.35
C VAL A 242 0.25 -11.17 32.71
N ALA A 243 -0.49 -10.11 32.40
CA ALA A 243 -1.88 -9.98 32.84
C ALA A 243 -2.73 -9.52 31.67
N ILE A 244 -3.81 -10.26 31.41
CA ILE A 244 -4.83 -9.84 30.45
C ILE A 244 -6.16 -9.88 31.19
N PRO A 245 -6.54 -8.80 31.88
CA PRO A 245 -7.71 -8.88 32.77
C PRO A 245 -8.98 -9.34 32.07
N GLN A 246 -9.27 -8.81 30.90
CA GLN A 246 -10.53 -9.12 30.23
C GLN A 246 -10.60 -10.58 29.76
N LEU A 247 -9.55 -11.37 29.96
CA LEU A 247 -9.59 -12.80 29.71
C LEU A 247 -9.38 -13.61 30.99
N LYS A 248 -9.55 -12.97 32.14
CA LYS A 248 -9.35 -13.63 33.43
C LYS A 248 -7.99 -14.32 33.50
N THR A 249 -7.02 -13.79 32.74
CA THR A 249 -5.72 -14.41 32.59
C THR A 249 -4.68 -13.60 33.35
N GLN A 250 -3.89 -14.30 34.18
CA GLN A 250 -2.75 -13.71 34.84
C GLN A 250 -1.75 -14.82 35.12
N GLN A 251 -0.47 -14.47 35.08
CA GLN A 251 0.58 -15.48 35.16
C GLN A 251 1.88 -14.81 35.58
N THR A 252 2.57 -15.40 36.55
CA THR A 252 3.85 -14.88 37.03
C THR A 252 4.91 -15.98 36.97
N ASN A 253 6.12 -15.58 36.61
CA ASN A 253 7.22 -16.53 36.43
C ASN A 253 8.51 -15.92 36.99
N ASP A 254 9.40 -16.81 37.43
CA ASP A 254 10.73 -16.40 37.83
C ASP A 254 11.59 -16.15 36.60
N ILE A 255 12.50 -15.18 36.71
CA ILE A 255 13.46 -14.89 35.67
C ILE A 255 14.80 -14.58 36.30
N GLU A 256 15.85 -14.69 35.49
CA GLU A 256 17.18 -14.28 35.89
C GLU A 256 17.94 -13.83 34.66
N LEU A 257 18.73 -12.77 34.82
CA LEU A 257 19.45 -12.16 33.70
C LEU A 257 20.93 -12.15 33.99
N GLN A 258 21.72 -12.42 32.95
CA GLN A 258 23.17 -12.33 33.04
C GLN A 258 23.68 -11.91 31.67
N GLN A 259 24.90 -11.38 31.65
CA GLN A 259 25.47 -10.88 30.40
C GLN A 259 25.41 -11.93 29.29
N GLU A 260 25.57 -13.21 29.64
CA GLU A 260 25.51 -14.28 28.66
C GLU A 260 24.19 -15.05 28.69
N GLN A 261 23.22 -14.60 29.50
CA GLN A 261 21.87 -15.16 29.51
C GLN A 261 20.90 -13.98 29.64
N ARG A 262 20.74 -13.24 28.55
CA ARG A 262 20.05 -11.96 28.58
C ARG A 262 18.67 -12.01 27.95
N ILE A 263 18.19 -13.19 27.55
CA ILE A 263 16.89 -13.34 26.89
C ILE A 263 15.92 -14.01 27.85
N VAL A 264 14.73 -13.45 27.96
CA VAL A 264 13.61 -14.05 28.68
C VAL A 264 12.62 -14.58 27.64
N LYS A 265 12.13 -15.80 27.85
CA LYS A 265 11.12 -16.39 27.00
C LYS A 265 9.98 -16.90 27.87
N LEU A 266 8.76 -16.44 27.59
CA LEU A 266 7.57 -16.87 28.28
C LEU A 266 6.58 -17.47 27.29
N LEU A 267 5.70 -18.32 27.80
CA LEU A 267 4.60 -18.88 27.02
C LEU A 267 3.35 -18.81 27.89
N VAL A 268 2.57 -17.76 27.71
CA VAL A 268 1.32 -17.60 28.46
C VAL A 268 0.24 -18.42 27.76
N LYS A 269 -0.41 -19.30 28.53
CA LYS A 269 -1.54 -20.08 28.03
C LYS A 269 -2.83 -19.44 28.52
N ILE A 270 -3.79 -19.31 27.61
CA ILE A 270 -5.08 -18.71 27.93
C ILE A 270 -6.01 -19.83 28.40
N ARG A 271 -6.38 -19.78 29.68
CA ARG A 271 -7.34 -20.72 30.25
C ARG A 271 -8.52 -20.95 29.31
N LYS A 272 -8.74 -22.21 28.93
CA LYS A 272 -9.83 -22.53 28.03
C LYS A 272 -11.20 -22.23 28.64
N ASP A 273 -11.26 -21.98 29.95
CA ASP A 273 -12.55 -21.70 30.59
C ASP A 273 -13.23 -20.47 29.98
N VAL A 274 -12.46 -19.56 29.38
CA VAL A 274 -12.98 -18.29 28.89
C VAL A 274 -12.98 -18.30 27.37
N ALA A 275 -13.94 -17.59 26.79
CA ALA A 275 -14.08 -17.46 25.35
C ALA A 275 -13.23 -16.31 24.84
N VAL A 276 -12.52 -16.55 23.75
CA VAL A 276 -11.59 -15.58 23.17
C VAL A 276 -12.18 -15.15 21.83
N GLU A 277 -12.65 -13.91 21.76
CA GLU A 277 -13.15 -13.36 20.50
C GLU A 277 -11.97 -13.10 19.56
N THR A 278 -12.15 -13.47 18.30
CA THR A 278 -11.08 -13.39 17.33
C THR A 278 -11.12 -12.08 16.56
N TRP A 279 -9.99 -11.78 15.90
CA TRP A 279 -9.86 -10.61 15.04
C TRP A 279 -10.20 -10.99 13.61
N TRP A 280 -10.95 -10.11 12.94
CA TRP A 280 -11.42 -10.37 11.59
C TRP A 280 -11.14 -9.17 10.70
N PRO A 281 -10.96 -9.40 9.40
CA PRO A 281 -10.85 -8.27 8.46
C PRO A 281 -12.15 -7.51 8.35
N ARG A 282 -12.03 -6.26 7.92
CA ARG A 282 -13.18 -5.40 7.69
C ARG A 282 -14.18 -6.12 6.78
N GLY A 283 -15.46 -6.08 7.16
CA GLY A 283 -16.50 -6.72 6.40
C GLY A 283 -16.63 -8.21 6.62
N HIS A 284 -15.89 -8.78 7.57
CA HIS A 284 -15.96 -10.22 7.82
C HIS A 284 -16.02 -10.53 9.31
N GLY A 285 -16.19 -9.53 10.18
CA GLY A 285 -16.26 -9.76 11.61
C GLY A 285 -15.82 -8.52 12.35
N ASN A 286 -15.54 -8.71 13.63
CA ASN A 286 -15.05 -7.65 14.51
C ASN A 286 -13.53 -7.60 14.48
N GLN A 287 -13.00 -6.42 14.82
CA GLN A 287 -11.56 -6.23 14.99
C GLN A 287 -11.17 -6.22 16.45
N THR A 288 -11.75 -7.12 17.24
CA THR A 288 -11.62 -7.07 18.69
C THR A 288 -10.24 -7.53 19.13
N GLY A 289 -9.68 -6.81 20.09
CA GLY A 289 -8.43 -7.20 20.73
C GLY A 289 -8.55 -7.01 22.23
N TYR A 290 -7.46 -7.36 22.93
CA TYR A 290 -7.47 -7.36 24.39
C TYR A 290 -6.27 -6.58 24.92
N ASN A 291 -6.52 -5.77 25.94
CA ASN A 291 -5.44 -5.04 26.61
C ASN A 291 -4.57 -6.01 27.40
N MET A 292 -3.25 -5.78 27.37
CA MET A 292 -2.30 -6.65 28.02
C MET A 292 -1.20 -5.82 28.66
N THR A 293 -0.68 -6.32 29.79
CA THR A 293 0.43 -5.67 30.48
C THR A 293 1.49 -6.72 30.83
N ILE A 294 2.76 -6.33 30.72
CA ILE A 294 3.90 -7.16 31.08
C ILE A 294 4.71 -6.38 32.10
N LEU A 295 4.79 -6.89 33.32
CA LEU A 295 5.47 -6.22 34.42
C LEU A 295 6.70 -7.02 34.81
N PHE A 296 7.88 -6.44 34.60
CA PHE A 296 9.13 -6.98 35.14
C PHE A 296 9.39 -6.31 36.49
N ALA A 297 9.51 -7.12 37.53
CA ALA A 297 9.89 -6.64 38.87
C ALA A 297 11.23 -7.29 39.19
N LEU A 298 12.31 -6.53 39.02
CA LEU A 298 13.65 -7.07 39.16
C LEU A 298 14.27 -6.69 40.51
N ASP A 299 15.29 -7.46 40.89
CA ASP A 299 16.04 -7.17 42.10
C ASP A 299 16.43 -5.70 42.15
N GLY A 300 16.21 -5.07 43.30
CA GLY A 300 16.68 -3.72 43.52
C GLY A 300 15.69 -2.63 43.22
N GLY A 301 14.39 -2.94 43.11
CA GLY A 301 13.38 -1.94 42.89
C GLY A 301 13.14 -1.56 41.45
N LEU A 302 13.86 -2.15 40.50
CA LEU A 302 13.70 -1.82 39.08
C LEU A 302 12.44 -2.48 38.55
N LYS A 303 11.45 -1.66 38.20
CA LYS A 303 10.24 -2.12 37.53
C LYS A 303 10.25 -1.64 36.09
N ILE A 304 9.89 -2.53 35.18
CA ILE A 304 9.80 -2.24 33.75
C ILE A 304 8.47 -2.81 33.26
N GLU A 305 7.54 -1.95 32.91
CA GLU A 305 6.24 -2.37 32.41
C GLU A 305 6.08 -2.00 30.95
N LYS A 306 5.45 -2.89 30.19
CA LYS A 306 5.08 -2.61 28.81
C LYS A 306 3.63 -3.05 28.62
N ALA A 307 2.86 -2.21 27.96
CA ALA A 307 1.48 -2.53 27.60
C ALA A 307 1.40 -2.77 26.10
N ALA A 308 0.45 -3.59 25.71
CA ALA A 308 0.23 -3.90 24.30
C ALA A 308 -1.18 -4.44 24.15
N LYS A 309 -1.69 -4.37 22.94
CA LYS A 309 -3.01 -4.89 22.63
C LYS A 309 -2.83 -6.22 21.91
N VAL A 310 -3.45 -7.27 22.43
CA VAL A 310 -3.32 -8.62 21.90
C VAL A 310 -4.54 -8.91 21.03
N TYR A 311 -4.29 -9.35 19.80
CA TYR A 311 -5.32 -9.75 18.88
C TYR A 311 -5.13 -11.22 18.54
N PHE A 312 -6.21 -11.98 18.56
CA PHE A 312 -6.17 -13.42 18.33
C PHE A 312 -6.82 -13.73 16.99
N ARG A 313 -6.03 -14.29 16.08
CA ARG A 313 -6.55 -14.76 14.80
C ARG A 313 -5.55 -15.72 14.19
N THR A 314 -6.05 -16.59 13.33
CA THR A 314 -5.23 -17.55 12.61
C THR A 314 -5.24 -17.20 11.12
N VAL A 315 -4.12 -17.43 10.46
CA VAL A 315 -3.98 -17.23 9.02
C VAL A 315 -3.37 -18.49 8.42
N GLN A 316 -3.95 -18.96 7.31
CA GLN A 316 -3.42 -20.08 6.56
C GLN A 316 -3.40 -19.71 5.08
N LEU A 317 -2.26 -19.96 4.44
CA LEU A 317 -2.17 -19.91 2.98
C LEU A 317 -2.45 -21.31 2.46
N ILE A 318 -3.62 -21.49 1.84
CA ILE A 318 -4.07 -22.81 1.39
C ILE A 318 -3.67 -23.00 -0.06
N GLU A 319 -2.79 -23.96 -0.30
CA GLU A 319 -2.37 -24.34 -1.65
C GLU A 319 -2.73 -25.82 -1.84
N GLU A 320 -4.02 -26.08 -2.06
CA GLU A 320 -4.55 -27.43 -2.14
C GLU A 320 -4.94 -27.76 -3.57
N GLY A 321 -5.34 -29.02 -3.77
CA GLY A 321 -5.75 -29.45 -5.09
C GLY A 321 -7.15 -28.99 -5.45
N ILE A 322 -7.36 -28.83 -6.75
CA ILE A 322 -8.64 -28.39 -7.30
C ILE A 322 -9.03 -29.37 -8.40
N LYS A 323 -10.25 -29.88 -8.34
CA LYS A 323 -10.70 -30.87 -9.30
C LYS A 323 -10.75 -30.26 -10.70
N GLY A 324 -10.11 -30.93 -11.66
CA GLY A 324 -10.11 -30.47 -13.03
C GLY A 324 -9.24 -29.26 -13.29
N SER A 325 -8.57 -28.71 -12.28
CA SER A 325 -7.69 -27.56 -12.43
C SER A 325 -6.27 -27.97 -12.05
N PRO A 326 -5.38 -28.19 -13.01
CA PRO A 326 -4.01 -28.60 -12.65
C PRO A 326 -3.35 -27.57 -11.76
N GLY A 327 -2.46 -28.06 -10.88
CA GLY A 327 -1.71 -27.19 -10.00
C GLY A 327 -2.26 -27.13 -8.60
N LEU A 328 -2.11 -25.97 -7.95
CA LEU A 328 -2.53 -25.78 -6.56
C LEU A 328 -3.25 -24.45 -6.44
N SER A 329 -4.18 -24.40 -5.49
CA SER A 329 -4.85 -23.15 -5.16
C SER A 329 -3.87 -22.17 -4.54
N PHE A 330 -4.36 -20.96 -4.25
CA PHE A 330 -3.56 -19.95 -3.57
C PHE A 330 -4.55 -18.94 -2.96
N TYR A 331 -5.03 -19.24 -1.76
CA TYR A 331 -6.00 -18.36 -1.12
C TYR A 331 -5.80 -18.41 0.39
N PHE A 332 -6.39 -17.43 1.07
CA PHE A 332 -6.17 -17.22 2.50
C PHE A 332 -7.41 -17.61 3.30
N LYS A 333 -7.20 -18.35 4.38
CA LYS A 333 -8.22 -18.60 5.39
C LYS A 333 -7.87 -17.79 6.62
N ILE A 334 -8.82 -16.96 7.08
CA ILE A 334 -8.69 -16.24 8.34
C ILE A 334 -9.65 -16.88 9.33
N ASN A 335 -9.10 -17.44 10.41
CA ASN A 335 -9.90 -18.16 11.40
C ASN A 335 -10.71 -19.26 10.73
N GLY A 336 -10.11 -19.92 9.75
CA GLY A 336 -10.72 -21.03 9.06
C GLY A 336 -11.62 -20.65 7.89
N LEU A 337 -11.96 -19.38 7.75
CA LEU A 337 -12.88 -18.95 6.70
C LEU A 337 -12.11 -18.46 5.48
N PRO A 338 -12.34 -19.00 4.28
CA PRO A 338 -11.70 -18.43 3.09
C PRO A 338 -12.24 -17.02 2.81
N ILE A 339 -11.33 -16.12 2.48
CA ILE A 339 -11.66 -14.71 2.31
C ILE A 339 -10.99 -14.20 1.04
N PHE A 340 -11.80 -13.66 0.13
CA PHE A 340 -11.29 -13.08 -1.11
C PHE A 340 -10.60 -11.75 -0.80
N LEU A 341 -9.32 -11.65 -1.11
CA LEU A 341 -8.58 -10.42 -0.86
C LEU A 341 -9.07 -9.32 -1.78
N LYS A 342 -9.43 -8.17 -1.19
CA LYS A 342 -9.90 -7.00 -1.93
C LYS A 342 -9.08 -5.79 -1.49
N GLY A 343 -8.25 -5.27 -2.38
CA GLY A 343 -7.46 -4.10 -2.03
C GLY A 343 -6.55 -3.58 -3.12
N SER A 344 -5.39 -3.08 -2.71
CA SER A 344 -4.48 -2.41 -3.63
C SER A 344 -3.09 -2.41 -3.02
N ASN A 345 -2.13 -1.92 -3.79
CA ASN A 345 -0.74 -1.86 -3.37
C ASN A 345 -0.41 -0.49 -2.79
N TRP A 346 0.19 -0.49 -1.61
CA TRP A 346 0.56 0.73 -0.91
C TRP A 346 2.00 1.10 -1.24
N ILE A 347 2.22 2.36 -1.61
CA ILE A 347 3.57 2.88 -1.84
C ILE A 347 3.80 4.02 -0.86
N PRO A 348 5.03 4.48 -0.67
CA PRO A 348 5.26 5.59 0.26
C PRO A 348 4.43 6.81 -0.11
N ALA A 349 3.86 7.45 0.90
CA ALA A 349 2.94 8.55 0.67
C ALA A 349 3.63 9.88 0.38
N ASP A 350 4.96 9.92 0.48
CA ASP A 350 5.71 11.15 0.27
C ASP A 350 7.16 10.78 0.02
N SER A 351 7.88 11.69 -0.64
CA SER A 351 9.32 11.51 -0.79
C SER A 351 10.06 11.74 0.52
N PHE A 352 9.44 12.44 1.46
CA PHE A 352 10.05 12.77 2.74
C PHE A 352 9.11 12.30 3.84
N GLN A 353 9.54 11.29 4.60
CA GLN A 353 8.65 10.60 5.53
C GLN A 353 8.20 11.48 6.68
N ASP A 354 8.94 12.53 7.02
CA ASP A 354 8.54 13.43 8.09
C ASP A 354 7.27 14.20 7.76
N LYS A 355 6.85 14.20 6.50
CA LYS A 355 5.62 14.85 6.08
C LYS A 355 4.42 13.91 6.04
N VAL A 356 4.62 12.62 6.30
CA VAL A 356 3.51 11.65 6.35
C VAL A 356 3.01 11.67 7.78
N THR A 357 2.20 12.68 8.10
CA THR A 357 1.75 12.93 9.45
C THR A 357 0.64 11.95 9.83
N SER A 358 0.36 11.91 11.14
CA SER A 358 -0.74 11.10 11.63
C SER A 358 -2.05 11.47 10.95
N ASP A 359 -2.30 12.78 10.78
CA ASP A 359 -3.56 13.22 10.18
C ASP A 359 -3.68 12.78 8.72
N ARG A 360 -2.59 12.89 7.96
CA ARG A 360 -2.61 12.39 6.58
C ARG A 360 -2.92 10.90 6.55
N LEU A 361 -2.26 10.12 7.41
CA LEU A 361 -2.43 8.67 7.39
C LEU A 361 -3.86 8.28 7.74
N GLN A 362 -4.40 8.83 8.82
CA GLN A 362 -5.77 8.52 9.20
C GLN A 362 -6.73 8.83 8.07
N LEU A 363 -6.51 9.95 7.38
CA LEU A 363 -7.35 10.31 6.25
C LEU A 363 -7.22 9.28 5.13
N LEU A 364 -5.99 8.89 4.80
CA LEU A 364 -5.78 7.90 3.76
C LEU A 364 -6.46 6.58 4.11
N PHE A 365 -6.41 6.17 5.39
CA PHE A 365 -7.06 4.91 5.76
C PHE A 365 -8.58 5.04 5.75
N GLN A 366 -9.11 6.25 5.98
CA GLN A 366 -10.54 6.43 5.78
C GLN A 366 -10.93 6.22 4.33
N SER A 367 -10.08 6.67 3.40
CA SER A 367 -10.35 6.46 1.98
C SER A 367 -10.24 4.98 1.62
N VAL A 368 -9.26 4.28 2.19
CA VAL A 368 -9.14 2.84 1.97
C VAL A 368 -10.38 2.13 2.49
N VAL A 369 -10.83 2.50 3.70
CA VAL A 369 -12.03 1.89 4.27
C VAL A 369 -13.23 2.17 3.38
N ASP A 370 -13.44 3.43 3.01
CA ASP A 370 -14.62 3.82 2.24
C ASP A 370 -14.61 3.22 0.83
N ALA A 371 -13.49 2.66 0.38
CA ALA A 371 -13.43 1.95 -0.89
C ALA A 371 -13.75 0.48 -0.75
N ASN A 372 -14.22 0.05 0.43
CA ASN A 372 -14.60 -1.34 0.69
C ASN A 372 -13.42 -2.28 0.48
N MET A 373 -12.22 -1.81 0.80
CA MET A 373 -11.03 -2.65 0.75
C MET A 373 -10.84 -3.35 2.09
N ASN A 374 -10.21 -4.52 2.04
CA ASN A 374 -9.80 -5.24 3.24
C ASN A 374 -8.33 -5.61 3.25
N THR A 375 -7.56 -5.22 2.23
CA THR A 375 -6.17 -5.64 2.12
C THR A 375 -5.33 -4.51 1.52
N LEU A 376 -4.13 -4.35 2.03
CA LEU A 376 -3.11 -3.51 1.42
C LEU A 376 -1.81 -4.30 1.36
N ARG A 377 -1.12 -4.22 0.22
CA ARG A 377 0.22 -4.79 0.08
C ARG A 377 1.23 -3.67 0.30
N VAL A 378 2.03 -3.79 1.36
CA VAL A 378 3.13 -2.86 1.60
C VAL A 378 4.27 -3.28 0.68
N TRP A 379 4.36 -2.63 -0.47
CA TRP A 379 5.22 -3.08 -1.57
C TRP A 379 6.69 -2.83 -1.25
N GLY A 380 7.53 -3.78 -1.63
CA GLY A 380 8.92 -3.85 -1.20
C GLY A 380 9.83 -2.81 -1.79
N GLY A 381 9.33 -1.92 -2.63
CA GLY A 381 10.10 -0.79 -3.06
C GLY A 381 9.88 0.45 -2.24
N GLY A 382 9.07 0.36 -1.19
CA GLY A 382 8.83 1.50 -0.31
C GLY A 382 9.61 1.42 0.98
N ILE A 383 8.91 1.51 2.10
CA ILE A 383 9.51 1.36 3.43
C ILE A 383 8.72 0.33 4.22
N TYR A 384 9.37 -0.26 5.21
CA TYR A 384 8.64 -0.81 6.33
C TYR A 384 7.92 0.36 7.00
N GLU A 385 6.60 0.28 7.09
CA GLU A 385 5.81 1.47 7.35
C GLU A 385 5.88 1.86 8.83
N GLN A 386 5.47 3.09 9.11
CA GLN A 386 5.55 3.62 10.46
C GLN A 386 4.54 2.93 11.37
N ASP A 387 4.80 3.02 12.68
CA ASP A 387 4.00 2.31 13.67
C ASP A 387 2.51 2.51 13.43
N GLU A 388 2.07 3.75 13.21
CA GLU A 388 0.64 4.02 13.14
C GLU A 388 -0.02 3.41 11.92
N PHE A 389 0.74 3.16 10.85
CA PHE A 389 0.19 2.43 9.72
C PHE A 389 -0.36 1.07 10.16
N TYR A 390 0.47 0.28 10.85
CA TYR A 390 0.04 -1.06 11.24
C TYR A 390 -0.96 -1.01 12.39
N ALA A 391 -0.89 0.00 13.25
CA ALA A 391 -1.94 0.17 14.26
C ALA A 391 -3.28 0.43 13.60
N LEU A 392 -3.30 1.30 12.58
CA LEU A 392 -4.54 1.55 11.85
C LEU A 392 -5.04 0.28 11.16
N CYS A 393 -4.13 -0.49 10.54
CA CYS A 393 -4.52 -1.74 9.91
C CYS A 393 -5.17 -2.68 10.93
N ASP A 394 -4.55 -2.84 12.09
CA ASP A 394 -5.11 -3.69 13.13
C ASP A 394 -6.50 -3.22 13.53
N GLU A 395 -6.64 -1.92 13.80
CA GLU A 395 -7.89 -1.42 14.37
C GLU A 395 -9.01 -1.38 13.35
N LEU A 396 -8.70 -1.05 12.10
CA LEU A 396 -9.71 -0.97 11.06
C LEU A 396 -9.96 -2.30 10.37
N GLY A 397 -9.13 -3.30 10.60
CA GLY A 397 -9.33 -4.59 9.99
C GLY A 397 -8.82 -4.68 8.56
N ILE A 398 -7.71 -4.02 8.26
CA ILE A 398 -7.08 -4.10 6.95
C ILE A 398 -5.95 -5.11 7.04
N MET A 399 -6.03 -6.16 6.24
CA MET A 399 -4.96 -7.14 6.17
C MET A 399 -3.79 -6.58 5.37
N VAL A 400 -2.58 -7.00 5.72
CA VAL A 400 -1.37 -6.46 5.14
C VAL A 400 -0.59 -7.61 4.52
N TRP A 401 -0.31 -7.49 3.21
CA TRP A 401 0.65 -8.33 2.53
C TRP A 401 1.99 -7.60 2.61
N GLN A 402 2.90 -8.11 3.43
CA GLN A 402 4.11 -7.37 3.81
C GLN A 402 5.30 -7.87 3.01
N ASP A 403 5.72 -7.08 2.03
CA ASP A 403 7.00 -7.32 1.38
C ASP A 403 8.14 -6.92 2.30
N PHE A 404 9.27 -7.60 2.14
CA PHE A 404 10.52 -7.02 2.58
C PHE A 404 11.04 -6.08 1.50
N MET A 405 11.91 -5.15 1.90
CA MET A 405 12.22 -3.99 1.06
C MET A 405 13.30 -4.32 0.03
N PHE A 406 12.95 -5.24 -0.86
CA PHE A 406 13.75 -5.58 -2.04
C PHE A 406 12.79 -5.65 -3.21
N ALA A 407 13.15 -5.05 -4.34
CA ALA A 407 12.16 -4.88 -5.41
C ALA A 407 12.83 -4.67 -6.76
N SER A 408 12.52 -5.55 -7.71
CA SER A 408 12.81 -5.32 -9.13
C SER A 408 14.28 -5.05 -9.36
N ALA A 409 15.13 -5.84 -8.71
CA ALA A 409 16.57 -5.64 -8.77
C ALA A 409 17.26 -6.85 -8.17
N LEU A 410 18.50 -7.05 -8.58
CA LEU A 410 19.36 -8.04 -7.95
C LEU A 410 20.22 -7.34 -6.90
N TYR A 411 20.62 -8.09 -5.88
CA TYR A 411 21.31 -7.48 -4.75
C TYR A 411 22.60 -8.22 -4.46
N PRO A 412 23.62 -7.51 -3.99
CA PRO A 412 24.89 -8.18 -3.67
C PRO A 412 24.74 -9.09 -2.47
N THR A 413 25.70 -10.01 -2.34
CA THR A 413 25.82 -10.89 -1.19
C THR A 413 27.15 -10.69 -0.48
N GLU A 414 27.81 -9.58 -0.77
CA GLU A 414 29.00 -9.16 -0.05
C GLU A 414 28.71 -9.20 1.47
N PRO A 415 29.69 -9.58 2.30
CA PRO A 415 29.37 -9.82 3.73
C PRO A 415 28.82 -8.60 4.46
N GLY A 416 29.37 -7.41 4.20
CA GLY A 416 28.87 -6.23 4.88
C GLY A 416 27.42 -5.94 4.55
N PHE A 417 27.04 -6.12 3.30
CA PHE A 417 25.65 -5.92 2.89
C PHE A 417 24.73 -6.95 3.56
N LEU A 418 25.13 -8.23 3.55
CA LEU A 418 24.32 -9.26 4.22
C LEU A 418 24.21 -9.01 5.72
N ALA A 419 25.32 -8.61 6.35
CA ALA A 419 25.26 -8.22 7.75
C ALA A 419 24.21 -7.13 7.95
N SER A 420 24.24 -6.11 7.10
CA SER A 420 23.26 -5.05 7.18
C SER A 420 21.84 -5.61 7.03
N VAL A 421 21.63 -6.49 6.05
CA VAL A 421 20.29 -7.03 5.81
C VAL A 421 19.81 -7.85 6.99
N ARG A 422 20.70 -8.62 7.62
CA ARG A 422 20.29 -9.45 8.75
C ARG A 422 19.74 -8.61 9.90
N LYS A 423 20.44 -7.53 10.25
CA LYS A 423 19.95 -6.66 11.33
C LYS A 423 18.58 -6.10 10.96
N GLU A 424 18.46 -5.57 9.75
CA GLU A 424 17.20 -4.99 9.27
C GLU A 424 16.05 -5.97 9.43
N VAL A 425 16.20 -7.16 8.84
CA VAL A 425 15.12 -8.14 8.84
C VAL A 425 14.82 -8.60 10.26
N THR A 426 15.86 -8.86 11.05
CA THR A 426 15.65 -9.21 12.45
C THR A 426 14.90 -8.11 13.17
N TYR A 427 15.32 -6.85 12.97
CA TYR A 427 14.68 -5.74 13.65
C TYR A 427 13.21 -5.62 13.24
N GLN A 428 12.94 -5.70 11.94
CA GLN A 428 11.58 -5.43 11.45
C GLN A 428 10.62 -6.56 11.82
N VAL A 429 11.09 -7.81 11.73
CA VAL A 429 10.23 -8.94 12.06
C VAL A 429 9.82 -8.89 13.53
N ARG A 430 10.79 -8.64 14.41
CA ARG A 430 10.45 -8.47 15.83
C ARG A 430 9.50 -7.29 16.03
N ARG A 431 9.68 -6.22 15.26
CA ARG A 431 8.83 -5.05 15.40
C ARG A 431 7.41 -5.32 14.95
N LEU A 432 7.23 -6.14 13.91
CA LEU A 432 5.95 -6.23 13.20
C LEU A 432 5.16 -7.50 13.46
N LYS A 433 5.79 -8.57 13.94
CA LYS A 433 5.15 -9.88 13.87
C LYS A 433 3.94 -10.00 14.78
N SER A 434 3.72 -9.07 15.70
CA SER A 434 2.59 -9.15 16.61
C SER A 434 1.31 -8.50 16.04
N HIS A 435 1.37 -7.90 14.86
CA HIS A 435 0.19 -7.26 14.28
C HIS A 435 -0.68 -8.30 13.58
N PRO A 436 -1.97 -8.43 13.94
CA PRO A 436 -2.83 -9.39 13.22
C PRO A 436 -3.05 -9.02 11.76
N SER A 437 -2.90 -7.74 11.41
CA SER A 437 -3.16 -7.33 10.02
C SER A 437 -2.24 -8.06 9.05
N ILE A 438 -0.97 -8.23 9.42
CA ILE A 438 0.00 -8.87 8.52
C ILE A 438 -0.41 -10.33 8.36
N ILE A 439 -0.79 -10.72 7.15
CA ILE A 439 -1.23 -12.08 6.86
C ILE A 439 -0.18 -12.90 6.11
N ILE A 440 0.85 -12.27 5.55
CA ILE A 440 1.87 -13.02 4.83
C ILE A 440 3.15 -12.19 4.79
N TRP A 441 4.28 -12.88 4.88
CA TRP A 441 5.60 -12.30 4.60
C TRP A 441 5.98 -12.62 3.17
N SER A 442 6.54 -11.63 2.47
CA SER A 442 6.94 -11.78 1.07
C SER A 442 8.37 -11.29 0.92
N GLY A 443 9.23 -12.17 0.41
CA GLY A 443 10.65 -11.89 0.43
C GLY A 443 11.06 -10.68 -0.38
N ASN A 444 10.38 -10.46 -1.51
CA ASN A 444 10.73 -9.35 -2.39
C ASN A 444 9.60 -9.15 -3.40
N ASN A 445 9.74 -8.09 -4.18
CA ASN A 445 8.87 -7.82 -5.31
C ASN A 445 9.56 -8.21 -6.61
N GLU A 446 8.96 -9.16 -7.33
CA GLU A 446 9.22 -9.46 -8.73
C GLU A 446 10.62 -9.98 -9.03
N ASN A 447 11.45 -10.27 -8.03
CA ASN A 447 12.82 -10.69 -8.31
C ASN A 447 12.93 -12.16 -8.68
N GLU A 448 11.95 -12.99 -8.32
CA GLU A 448 11.93 -14.35 -8.86
C GLU A 448 11.70 -14.32 -10.37
N VAL A 449 10.78 -13.46 -10.83
CA VAL A 449 10.55 -13.27 -12.25
C VAL A 449 11.81 -12.74 -12.93
N ALA A 450 12.44 -11.73 -12.33
CA ALA A 450 13.60 -11.09 -12.95
C ALA A 450 14.65 -12.12 -13.35
N LEU A 451 14.86 -13.14 -12.51
CA LEU A 451 15.85 -14.16 -12.83
C LEU A 451 15.28 -15.22 -13.74
N SER A 452 14.07 -15.72 -13.43
CA SER A 452 13.43 -16.73 -14.26
C SER A 452 13.36 -16.30 -15.72
N VAL A 453 13.00 -15.04 -15.96
CA VAL A 453 12.90 -14.50 -17.31
C VAL A 453 14.17 -13.77 -17.73
N ASN A 454 15.07 -13.48 -16.80
CA ASN A 454 16.30 -12.75 -17.09
C ASN A 454 15.99 -11.34 -17.63
N TRP A 455 15.19 -10.60 -16.86
CA TRP A 455 14.90 -9.21 -17.18
C TRP A 455 16.16 -8.44 -17.53
N PHE A 456 17.23 -8.65 -16.77
CA PHE A 456 18.45 -7.85 -16.90
C PHE A 456 19.45 -8.47 -17.87
N HIS A 457 19.04 -9.49 -18.63
CA HIS A 457 19.84 -10.03 -19.71
C HIS A 457 21.26 -10.37 -19.25
N VAL A 458 21.34 -11.00 -18.08
CA VAL A 458 22.59 -11.55 -17.61
C VAL A 458 23.13 -12.56 -18.62
N ASN A 459 24.45 -12.62 -18.74
CA ASN A 459 25.08 -13.65 -19.54
C ASN A 459 24.71 -15.02 -18.98
N PRO A 460 24.14 -15.93 -19.79
CA PRO A 460 23.77 -17.25 -19.25
C PRO A 460 24.95 -17.99 -18.62
N ARG A 461 26.16 -17.48 -18.87
CA ARG A 461 27.35 -18.05 -18.25
C ARG A 461 27.46 -17.68 -16.78
N ASP A 462 26.96 -16.51 -16.38
CA ASP A 462 27.03 -16.05 -15.00
C ASP A 462 25.71 -16.18 -14.27
N MET A 463 24.68 -16.75 -14.90
CA MET A 463 23.39 -16.88 -14.24
C MET A 463 23.51 -17.60 -12.90
N LYS A 464 24.32 -18.66 -12.86
CA LYS A 464 24.46 -19.44 -11.62
C LYS A 464 24.87 -18.54 -10.46
N THR A 465 25.72 -17.55 -10.72
CA THR A 465 26.12 -16.61 -9.67
C THR A 465 24.90 -15.88 -9.11
N TYR A 466 24.04 -15.38 -9.99
CA TYR A 466 22.88 -14.61 -9.53
C TYR A 466 21.83 -15.51 -8.88
N ILE A 467 21.69 -16.74 -9.36
CA ILE A 467 20.77 -17.66 -8.71
C ILE A 467 21.20 -17.93 -7.28
N ASP A 468 22.49 -18.25 -7.10
CA ASP A 468 22.99 -18.48 -5.75
C ASP A 468 22.85 -17.23 -4.88
N ASP A 469 23.08 -16.06 -5.47
CA ASP A 469 22.89 -14.82 -4.71
C ASP A 469 21.45 -14.67 -4.27
N TYR A 470 20.51 -15.09 -5.12
CA TYR A 470 19.09 -15.01 -4.79
C TYR A 470 18.75 -15.92 -3.62
N VAL A 471 19.14 -17.19 -3.70
CA VAL A 471 18.88 -18.12 -2.60
C VAL A 471 19.57 -17.66 -1.33
N THR A 472 20.82 -17.21 -1.45
CA THR A 472 21.55 -16.71 -0.29
C THR A 472 20.75 -15.62 0.42
N LEU A 473 20.21 -14.66 -0.33
CA LEU A 473 19.57 -13.51 0.29
C LEU A 473 18.19 -13.88 0.85
N TYR A 474 17.30 -14.40 0.00
CA TYR A 474 15.91 -14.53 0.40
C TYR A 474 15.64 -15.81 1.19
N VAL A 475 16.45 -16.86 0.99
CA VAL A 475 16.19 -18.14 1.63
C VAL A 475 17.14 -18.34 2.81
N LYS A 476 18.45 -18.27 2.55
CA LYS A 476 19.42 -18.56 3.61
C LYS A 476 19.48 -17.47 4.67
N ASN A 477 19.04 -16.25 4.37
CA ASN A 477 19.05 -15.15 5.33
C ASN A 477 17.64 -14.71 5.69
N ILE A 478 16.87 -14.14 4.75
CA ILE A 478 15.59 -13.54 5.11
C ILE A 478 14.60 -14.60 5.58
N ARG A 479 14.42 -15.67 4.79
CA ARG A 479 13.50 -16.72 5.19
C ARG A 479 13.91 -17.33 6.51
N LYS A 480 15.20 -17.66 6.66
CA LYS A 480 15.66 -18.29 7.89
C LYS A 480 15.37 -17.41 9.09
N ILE A 481 15.59 -16.09 8.97
CA ILE A 481 15.33 -15.18 10.08
C ILE A 481 13.84 -15.14 10.40
N VAL A 482 13.00 -15.05 9.36
CA VAL A 482 11.55 -14.95 9.56
C VAL A 482 11.04 -16.17 10.32
N LEU A 483 11.34 -17.37 9.80
CA LEU A 483 10.82 -18.60 10.40
C LEU A 483 11.36 -18.82 11.80
N SER A 484 12.58 -18.35 12.09
CA SER A 484 13.12 -18.46 13.43
C SER A 484 12.37 -17.57 14.41
N GLU A 485 11.66 -16.56 13.92
CA GLU A 485 10.88 -15.66 14.75
C GLU A 485 9.38 -15.94 14.69
N ASP A 486 8.89 -16.52 13.60
CA ASP A 486 7.44 -16.50 13.34
C ASP A 486 7.07 -17.67 12.44
N LYS A 487 6.25 -18.58 12.95
CA LYS A 487 5.64 -19.63 12.15
C LYS A 487 4.12 -19.51 12.16
N SER A 488 3.59 -18.34 12.55
CA SER A 488 2.16 -18.10 12.53
C SER A 488 1.64 -17.64 11.17
N ARG A 489 2.53 -17.30 10.24
CA ARG A 489 2.16 -16.73 8.95
C ARG A 489 2.85 -17.45 7.82
N PRO A 490 2.23 -17.50 6.64
CA PRO A 490 2.94 -18.02 5.46
C PRO A 490 4.07 -17.10 5.05
N PHE A 491 5.10 -17.68 4.45
CA PHE A 491 6.19 -16.95 3.85
C PHE A 491 6.32 -17.35 2.39
N ILE A 492 6.37 -16.36 1.49
CA ILE A 492 6.75 -16.58 0.11
C ILE A 492 8.02 -15.78 -0.15
N ALA A 493 8.85 -16.30 -1.05
CA ALA A 493 10.14 -15.66 -1.33
C ALA A 493 10.00 -14.48 -2.27
N SER A 494 8.92 -14.39 -3.04
CA SER A 494 8.80 -13.34 -4.04
C SER A 494 7.34 -13.19 -4.43
N SER A 495 7.05 -12.04 -5.05
CA SER A 495 5.75 -11.83 -5.67
C SER A 495 5.97 -11.24 -7.06
N PRO A 496 5.47 -11.89 -8.13
CA PRO A 496 4.65 -13.11 -8.14
C PRO A 496 5.47 -14.38 -7.99
N THR A 497 4.84 -15.45 -7.53
CA THR A 497 5.52 -16.69 -7.25
C THR A 497 4.57 -17.85 -7.55
N ASN A 498 5.13 -19.06 -7.52
CA ASN A 498 4.35 -20.29 -7.63
C ASN A 498 4.21 -20.99 -6.28
N GLY A 499 4.57 -20.33 -5.19
CA GLY A 499 4.29 -20.87 -3.86
C GLY A 499 5.09 -22.14 -3.59
N MET A 500 4.39 -23.17 -3.10
CA MET A 500 5.05 -24.43 -2.82
C MET A 500 5.75 -24.98 -4.06
N LYS A 501 5.21 -24.68 -5.25
CA LYS A 501 5.83 -25.15 -6.48
C LYS A 501 7.17 -24.46 -6.73
N THR A 502 7.26 -23.16 -6.39
CA THR A 502 8.54 -22.46 -6.51
C THR A 502 9.59 -23.10 -5.62
N MET A 503 9.24 -23.39 -4.36
CA MET A 503 10.18 -24.03 -3.45
C MET A 503 10.61 -25.38 -3.98
N GLU A 504 9.65 -26.19 -4.43
CA GLU A 504 9.98 -27.48 -5.04
C GLU A 504 11.00 -27.33 -6.15
N GLU A 505 10.91 -26.24 -6.93
CA GLU A 505 11.78 -26.02 -8.09
C GLU A 505 13.09 -25.33 -7.74
N GLY A 506 13.44 -25.23 -6.46
CA GLY A 506 14.70 -24.62 -6.08
C GLY A 506 14.67 -23.13 -5.88
N TRP A 507 13.49 -22.52 -5.76
CA TRP A 507 13.24 -21.14 -5.36
C TRP A 507 13.18 -20.17 -6.54
N ILE A 508 13.48 -20.61 -7.76
CA ILE A 508 13.28 -19.79 -8.94
C ILE A 508 12.49 -20.64 -9.94
N SER A 509 11.19 -20.40 -10.02
CA SER A 509 10.30 -21.24 -10.80
C SER A 509 10.60 -21.14 -12.29
N TYR A 510 10.21 -22.18 -13.01
CA TYR A 510 10.34 -22.15 -14.47
C TYR A 510 9.47 -21.06 -15.07
N ASP A 511 8.25 -20.90 -14.58
CA ASP A 511 7.34 -19.85 -15.04
C ASP A 511 6.60 -19.29 -13.84
N PRO A 512 7.15 -18.27 -13.18
CA PRO A 512 6.47 -17.68 -12.02
C PRO A 512 5.13 -17.04 -12.35
N TYR A 513 4.89 -16.68 -13.61
CA TYR A 513 3.62 -16.10 -14.04
C TYR A 513 2.54 -17.17 -14.25
N SER A 514 2.77 -18.40 -13.80
CA SER A 514 1.80 -19.46 -14.02
C SER A 514 0.50 -19.13 -13.30
N ILE A 515 -0.61 -19.25 -14.03
CA ILE A 515 -1.93 -19.10 -13.43
C ILE A 515 -2.39 -20.36 -12.70
N GLN A 516 -1.65 -21.45 -12.82
CA GLN A 516 -1.99 -22.70 -12.14
C GLN A 516 -1.37 -22.80 -10.75
N TYR A 517 -0.50 -21.86 -10.37
CA TYR A 517 0.12 -21.83 -9.06
C TYR A 517 0.24 -20.38 -8.58
N GLY A 518 0.33 -20.23 -7.26
CA GLY A 518 0.71 -18.97 -6.66
C GLY A 518 -0.13 -17.80 -7.15
N ASP A 519 0.51 -16.63 -7.18
CA ASP A 519 -0.12 -15.37 -7.57
C ASP A 519 0.54 -14.86 -8.86
N ILE A 520 0.00 -13.77 -9.41
CA ILE A 520 0.57 -13.17 -10.61
C ILE A 520 0.39 -11.66 -10.56
N HIS A 521 1.28 -10.96 -11.27
CA HIS A 521 1.08 -9.58 -11.66
C HIS A 521 0.77 -9.54 -13.15
N PHE A 522 -0.19 -8.71 -13.54
CA PHE A 522 -0.62 -8.66 -14.94
C PHE A 522 -0.79 -7.21 -15.38
N TYR A 523 -0.05 -6.83 -16.42
CA TYR A 523 -0.23 -5.56 -17.08
C TYR A 523 -0.34 -5.78 -18.58
N ASN A 524 -1.02 -4.84 -19.25
CA ASN A 524 -1.22 -4.89 -20.68
C ASN A 524 -1.75 -3.55 -21.13
N TYR A 525 -1.05 -2.89 -22.05
CA TYR A 525 -1.47 -1.59 -22.55
C TYR A 525 -1.84 -1.62 -24.03
N ALA A 526 -1.56 -2.72 -24.73
CA ALA A 526 -1.82 -2.78 -26.17
C ALA A 526 -3.26 -3.19 -26.46
N ASP A 527 -3.77 -4.18 -25.74
CA ASP A 527 -5.04 -4.80 -26.11
C ASP A 527 -6.22 -4.07 -25.48
N ASP A 528 -7.41 -4.40 -25.98
CA ASP A 528 -8.65 -3.77 -25.54
C ASP A 528 -8.96 -4.21 -24.11
N CYS A 529 -8.88 -3.28 -23.16
CA CYS A 529 -9.11 -3.62 -21.76
C CYS A 529 -10.53 -4.07 -21.49
N TRP A 530 -11.47 -3.76 -22.39
CA TRP A 530 -12.84 -4.24 -22.25
C TRP A 530 -12.97 -5.72 -22.56
N ASN A 531 -12.02 -6.30 -23.29
CA ASN A 531 -12.05 -7.71 -23.66
C ASN A 531 -11.46 -8.52 -22.50
N TRP A 532 -12.32 -8.93 -21.58
CA TRP A 532 -11.87 -9.63 -20.38
C TRP A 532 -11.12 -10.92 -20.68
N LYS A 533 -11.12 -11.38 -21.93
CA LYS A 533 -10.37 -12.58 -22.29
C LYS A 533 -8.87 -12.38 -22.26
N ILE A 534 -8.39 -11.15 -22.25
CA ILE A 534 -6.96 -10.91 -22.17
C ILE A 534 -6.41 -11.20 -20.78
N PHE A 535 -7.28 -11.20 -19.77
CA PHE A 535 -6.84 -11.32 -18.39
C PHE A 535 -6.61 -12.79 -18.02
N PRO A 536 -5.63 -13.07 -17.15
CA PRO A 536 -5.41 -14.47 -16.72
C PRO A 536 -6.36 -14.85 -15.61
N LYS A 537 -6.97 -16.03 -15.74
CA LYS A 537 -7.86 -16.57 -14.70
C LYS A 537 -6.99 -17.24 -13.63
N ALA A 538 -6.31 -16.40 -12.86
CA ALA A 538 -5.26 -16.83 -11.95
C ALA A 538 -5.82 -17.17 -10.57
N ARG A 539 -4.96 -17.79 -9.75
CA ARG A 539 -5.35 -18.13 -8.39
C ARG A 539 -5.44 -16.89 -7.51
N LEU A 540 -4.63 -15.87 -7.81
CA LEU A 540 -4.62 -14.64 -7.03
C LEU A 540 -3.82 -13.57 -7.76
N VAL A 541 -4.38 -12.38 -7.89
CA VAL A 541 -3.78 -11.29 -8.65
C VAL A 541 -3.33 -10.24 -7.63
N SER A 542 -2.04 -10.19 -7.37
CA SER A 542 -1.47 -9.26 -6.40
C SER A 542 -1.09 -7.92 -7.01
N GLU A 543 -1.04 -7.81 -8.34
CA GLU A 543 -0.87 -6.53 -9.01
C GLU A 543 -1.59 -6.58 -10.35
N TYR A 544 -2.16 -5.43 -10.73
CA TYR A 544 -2.73 -5.19 -12.05
C TYR A 544 -3.22 -3.74 -12.10
N GLY A 545 -2.88 -2.98 -13.13
CA GLY A 545 -3.22 -1.57 -13.12
C GLY A 545 -3.21 -0.94 -14.49
N TYR A 546 -3.88 0.22 -14.57
CA TYR A 546 -3.84 1.09 -15.73
C TYR A 546 -3.51 2.50 -15.26
N GLN A 547 -2.87 3.26 -16.13
CA GLN A 547 -2.35 4.57 -15.79
C GLN A 547 -3.39 5.65 -16.10
N SER A 548 -3.33 6.74 -15.34
CA SER A 548 -4.17 7.91 -15.59
C SER A 548 -3.46 9.14 -15.04
N TRP A 549 -3.92 10.32 -15.49
CA TRP A 549 -3.35 11.57 -15.00
C TRP A 549 -4.12 12.06 -13.78
N PRO A 550 -3.44 12.67 -12.81
CA PRO A 550 -4.15 13.30 -11.70
C PRO A 550 -4.89 14.55 -12.18
N SER A 551 -5.84 14.98 -11.36
CA SER A 551 -6.70 16.11 -11.71
C SER A 551 -5.87 17.37 -11.91
N PHE A 552 -6.46 18.33 -12.64
CA PHE A 552 -5.80 19.61 -12.87
C PHE A 552 -5.53 20.33 -11.56
N SER A 553 -6.46 20.24 -10.61
CA SER A 553 -6.27 20.87 -9.31
C SER A 553 -4.97 20.43 -8.67
N THR A 554 -4.66 19.13 -8.75
CA THR A 554 -3.43 18.62 -8.17
C THR A 554 -2.22 19.10 -8.96
N LEU A 555 -2.33 19.14 -10.28
CA LEU A 555 -1.21 19.58 -11.12
C LEU A 555 -0.95 21.07 -10.96
N GLU A 556 -2.00 21.86 -10.81
CA GLU A 556 -1.86 23.32 -10.79
C GLU A 556 -0.88 23.77 -9.70
N LYS A 557 -0.82 23.05 -8.57
CA LYS A 557 0.01 23.48 -7.46
C LYS A 557 1.50 23.34 -7.72
N VAL A 558 1.91 22.59 -8.75
CA VAL A 558 3.33 22.38 -9.02
C VAL A 558 3.64 22.63 -10.49
N SER A 559 2.86 23.50 -11.14
CA SER A 559 3.05 23.79 -12.55
C SER A 559 2.65 25.23 -12.81
N SER A 560 2.94 25.70 -14.02
CA SER A 560 2.60 27.04 -14.45
C SER A 560 1.79 26.97 -15.74
N GLN A 561 1.25 28.13 -16.12
CA GLN A 561 0.28 28.18 -17.23
C GLN A 561 0.80 27.47 -18.47
N GLU A 562 2.07 27.67 -18.81
CA GLU A 562 2.61 27.12 -20.05
C GLU A 562 2.79 25.62 -20.01
N ASP A 563 2.55 24.99 -18.86
CA ASP A 563 2.74 23.55 -18.71
C ASP A 563 1.49 22.74 -18.99
N TRP A 564 0.34 23.40 -19.15
CA TRP A 564 -0.96 22.74 -19.12
C TRP A 564 -1.35 22.27 -20.51
N ALA A 565 -0.56 21.31 -21.01
CA ALA A 565 -0.87 20.56 -22.22
C ALA A 565 -0.42 19.14 -22.02
N TYR A 566 -1.11 18.20 -22.68
CA TYR A 566 -0.87 16.78 -22.45
C TYR A 566 0.59 16.41 -22.72
N ASN A 567 1.17 16.98 -23.78
CA ASN A 567 2.53 16.65 -24.20
C ASN A 567 3.49 17.83 -24.04
N SER A 568 3.19 18.73 -23.11
CA SER A 568 4.13 19.81 -22.78
C SER A 568 5.43 19.24 -22.23
N ARG A 569 6.46 20.09 -22.20
CA ARG A 569 7.74 19.70 -21.63
C ARG A 569 7.55 19.20 -20.19
N PHE A 570 6.72 19.91 -19.42
CA PHE A 570 6.47 19.55 -18.02
C PHE A 570 5.82 18.17 -17.91
N SER A 571 4.76 17.95 -18.70
CA SER A 571 4.01 16.70 -18.61
C SER A 571 4.88 15.49 -18.97
N LEU A 572 5.62 15.59 -20.09
CA LEU A 572 6.52 14.50 -20.45
C LEU A 572 7.59 14.31 -19.39
N HIS A 573 7.97 15.38 -18.70
CA HIS A 573 8.95 15.27 -17.62
C HIS A 573 8.40 14.47 -16.44
N ARG A 574 7.14 14.75 -16.06
CA ARG A 574 6.53 14.06 -14.93
C ARG A 574 6.20 12.61 -15.24
N GLN A 575 5.89 12.32 -16.49
CA GLN A 575 5.64 10.94 -16.93
C GLN A 575 6.93 10.15 -16.82
N HIS A 576 6.96 9.18 -15.90
CA HIS A 576 8.13 8.34 -15.71
C HIS A 576 7.96 6.93 -16.27
N HIS A 577 6.86 6.66 -16.96
CA HIS A 577 6.60 5.37 -17.56
C HIS A 577 6.78 5.46 -19.08
N GLU A 578 7.64 4.59 -19.61
CA GLU A 578 7.94 4.54 -21.04
C GLU A 578 6.68 4.60 -21.89
N ASP A 579 6.52 5.68 -22.66
CA ASP A 579 5.42 5.83 -23.62
C ASP A 579 4.05 5.87 -22.96
N GLY A 580 3.98 6.24 -21.68
CA GLY A 580 2.72 6.19 -20.97
C GLY A 580 1.66 7.11 -21.54
N ASN A 581 2.07 8.29 -22.00
CA ASN A 581 1.10 9.22 -22.58
C ASN A 581 0.45 8.62 -23.82
N HIS A 582 1.26 8.05 -24.72
CA HIS A 582 0.70 7.40 -25.90
C HIS A 582 -0.13 6.18 -25.52
N GLN A 583 0.39 5.34 -24.63
CA GLN A 583 -0.37 4.17 -24.18
C GLN A 583 -1.73 4.58 -23.64
N MET A 584 -1.77 5.63 -22.82
CA MET A 584 -3.03 6.07 -22.24
C MET A 584 -3.99 6.54 -23.32
N LEU A 585 -3.50 7.31 -24.31
CA LEU A 585 -4.37 7.72 -25.41
C LEU A 585 -4.82 6.52 -26.23
N HIS A 586 -3.89 5.60 -26.52
CA HIS A 586 -4.25 4.40 -27.28
C HIS A 586 -5.43 3.68 -26.65
N GLN A 587 -5.42 3.54 -25.31
CA GLN A 587 -6.52 2.85 -24.64
C GLN A 587 -7.77 3.72 -24.58
N VAL A 588 -7.61 5.05 -24.54
CA VAL A 588 -8.76 5.94 -24.64
C VAL A 588 -9.45 5.77 -25.98
N LYS A 589 -8.68 5.83 -27.07
CA LYS A 589 -9.25 5.69 -28.41
C LYS A 589 -9.98 4.36 -28.58
N MET A 590 -9.67 3.35 -27.78
CA MET A 590 -10.28 2.04 -27.93
C MET A 590 -11.81 2.13 -27.93
N HIS A 591 -12.37 3.00 -27.09
CA HIS A 591 -13.82 3.10 -26.97
C HIS A 591 -14.32 4.53 -26.84
N PHE A 592 -13.45 5.53 -26.95
CA PHE A 592 -13.85 6.91 -26.68
C PHE A 592 -13.26 7.83 -27.74
N LYS A 593 -13.91 8.97 -27.92
CA LYS A 593 -13.43 10.00 -28.83
C LYS A 593 -12.42 10.88 -28.11
N LEU A 594 -11.30 11.16 -28.77
CA LEU A 594 -10.31 12.05 -28.19
C LEU A 594 -10.87 13.47 -28.16
N PRO A 595 -10.42 14.30 -27.20
CA PRO A 595 -11.00 15.64 -27.08
C PRO A 595 -10.73 16.50 -28.31
N GLN A 596 -11.81 16.99 -28.90
CA GLN A 596 -11.75 17.96 -29.99
C GLN A 596 -12.26 19.29 -29.46
N GLY A 597 -11.38 20.28 -29.38
CA GLY A 597 -11.76 21.58 -28.87
C GLY A 597 -10.75 22.63 -29.27
N THR A 598 -11.18 23.89 -29.19
CA THR A 598 -10.33 25.01 -29.60
C THR A 598 -9.40 25.47 -28.49
N ASP A 599 -9.87 25.49 -27.24
CA ASP A 599 -9.07 25.98 -26.13
C ASP A 599 -8.09 24.90 -25.68
N PRO A 600 -6.78 25.13 -25.77
CA PRO A 600 -5.83 24.07 -25.35
C PRO A 600 -5.98 23.67 -23.90
N LEU A 601 -6.24 24.61 -23.00
CA LEU A 601 -6.44 24.26 -21.59
C LEU A 601 -7.64 23.33 -21.43
N ARG A 602 -8.74 23.63 -22.12
CA ARG A 602 -9.89 22.73 -22.09
C ARG A 602 -9.52 21.34 -22.59
N THR A 603 -8.76 21.27 -23.69
CA THR A 603 -8.29 19.98 -24.18
C THR A 603 -7.47 19.26 -23.13
N PHE A 604 -6.58 19.98 -22.45
CA PHE A 604 -5.76 19.38 -21.40
C PHE A 604 -6.64 18.76 -20.31
N LYS A 605 -7.57 19.54 -19.77
CA LYS A 605 -8.45 19.02 -18.71
C LYS A 605 -9.30 17.86 -19.22
N ASP A 606 -9.84 17.97 -20.44
CA ASP A 606 -10.69 16.91 -20.95
C ASP A 606 -9.91 15.62 -21.17
N THR A 607 -8.63 15.73 -21.56
CA THR A 607 -7.82 14.53 -21.76
C THR A 607 -7.54 13.83 -20.43
N ILE A 608 -7.23 14.60 -19.38
CA ILE A 608 -7.11 14.03 -18.04
C ILE A 608 -8.37 13.25 -17.70
N TYR A 609 -9.53 13.92 -17.81
CA TYR A 609 -10.81 13.28 -17.52
C TYR A 609 -10.94 11.95 -18.25
N LEU A 610 -10.51 11.90 -19.52
CA LEU A 610 -10.68 10.67 -20.30
C LEU A 610 -9.69 9.59 -19.88
N THR A 611 -8.49 9.95 -19.42
CA THR A 611 -7.59 8.92 -18.91
C THR A 611 -8.10 8.34 -17.60
N GLN A 612 -8.72 9.17 -16.76
CA GLN A 612 -9.36 8.64 -15.56
C GLN A 612 -10.60 7.84 -15.90
N VAL A 613 -11.31 8.22 -16.97
CA VAL A 613 -12.43 7.41 -17.46
C VAL A 613 -11.92 6.06 -17.94
N MET A 614 -10.88 6.08 -18.77
CA MET A 614 -10.32 4.84 -19.28
C MET A 614 -9.78 3.98 -18.13
N GLN A 615 -9.09 4.60 -17.18
CA GLN A 615 -8.56 3.84 -16.05
C GLN A 615 -9.67 3.18 -15.25
N ALA A 616 -10.70 3.96 -14.89
CA ALA A 616 -11.75 3.43 -14.03
C ALA A 616 -12.49 2.27 -14.70
N GLN A 617 -12.88 2.44 -15.96
CA GLN A 617 -13.64 1.40 -16.65
C GLN A 617 -12.77 0.17 -16.92
N CYS A 618 -11.48 0.37 -17.18
CA CYS A 618 -10.60 -0.77 -17.44
C CYS A 618 -10.43 -1.63 -16.19
N ILE A 619 -10.12 -1.00 -15.05
CA ILE A 619 -9.92 -1.76 -13.81
C ILE A 619 -11.24 -2.32 -13.31
N LYS A 620 -12.36 -1.63 -13.55
CA LYS A 620 -13.66 -2.21 -13.25
C LYS A 620 -13.84 -3.51 -14.01
N THR A 621 -13.64 -3.47 -15.33
CA THR A 621 -13.77 -4.69 -16.13
C THR A 621 -12.84 -5.78 -15.62
N GLU A 622 -11.59 -5.43 -15.30
CA GLU A 622 -10.61 -6.43 -14.91
C GLU A 622 -10.91 -6.99 -13.53
N THR A 623 -11.21 -6.12 -12.56
CA THR A 623 -11.50 -6.60 -11.22
C THR A 623 -12.72 -7.52 -11.22
N GLU A 624 -13.80 -7.10 -11.87
CA GLU A 624 -15.01 -7.92 -11.89
C GLU A 624 -14.77 -9.28 -12.50
N PHE A 625 -13.87 -9.38 -13.49
CA PHE A 625 -13.51 -10.68 -14.02
C PHE A 625 -12.92 -11.58 -12.95
N TYR A 626 -11.99 -11.03 -12.16
CA TYR A 626 -11.41 -11.80 -11.06
C TYR A 626 -12.46 -12.10 -9.99
N LEU A 627 -13.36 -11.16 -9.72
CA LEU A 627 -14.39 -11.39 -8.72
C LEU A 627 -15.27 -12.58 -9.10
N ARG A 628 -15.63 -12.68 -10.38
CA ARG A 628 -16.55 -13.73 -10.79
C ARG A 628 -15.86 -15.08 -10.96
N SER A 629 -14.53 -15.13 -10.99
CA SER A 629 -13.79 -16.35 -11.25
C SER A 629 -13.48 -17.14 -9.98
N ARG A 630 -14.06 -16.75 -8.83
CA ARG A 630 -13.64 -17.30 -7.55
C ARG A 630 -14.18 -18.71 -7.31
N SER A 631 -15.36 -19.03 -7.83
CA SER A 631 -16.02 -20.29 -7.55
C SER A 631 -15.92 -21.30 -8.69
N GLU A 632 -15.46 -20.89 -9.86
CA GLU A 632 -15.58 -21.69 -11.07
C GLU A 632 -14.21 -22.12 -11.59
N ILE A 633 -14.21 -23.24 -12.32
CA ILE A 633 -13.08 -23.67 -13.12
C ILE A 633 -13.52 -23.67 -14.58
N VAL A 634 -12.66 -23.14 -15.45
CA VAL A 634 -12.95 -23.04 -16.87
C VAL A 634 -11.65 -23.30 -17.62
N ASP A 635 -11.64 -24.33 -18.44
CA ASP A 635 -10.45 -24.71 -19.20
C ASP A 635 -9.27 -24.96 -18.25
N GLY A 636 -9.57 -25.55 -17.10
CA GLY A 636 -8.56 -25.87 -16.11
C GLY A 636 -8.05 -24.69 -15.32
N LYS A 637 -8.75 -23.55 -15.35
CA LYS A 637 -8.31 -22.34 -14.69
C LYS A 637 -9.46 -21.75 -13.89
N GLY A 638 -9.13 -21.14 -12.75
CA GLY A 638 -10.12 -20.44 -11.98
C GLY A 638 -9.79 -20.49 -10.50
N HIS A 639 -10.83 -20.25 -9.70
CA HIS A 639 -10.72 -20.16 -8.23
C HIS A 639 -9.86 -18.97 -7.84
N THR A 640 -10.07 -17.84 -8.51
CA THR A 640 -9.40 -16.59 -8.16
C THR A 640 -9.86 -16.14 -6.78
N MET A 641 -8.91 -15.87 -5.89
CA MET A 641 -9.25 -15.54 -4.51
C MET A 641 -8.56 -14.28 -4.02
N GLY A 642 -8.28 -13.35 -4.94
CA GLY A 642 -7.69 -12.08 -4.54
C GLY A 642 -7.46 -11.13 -5.69
N ALA A 643 -7.69 -9.84 -5.44
CA ALA A 643 -7.45 -8.79 -6.43
C ALA A 643 -6.92 -7.57 -5.71
N LEU A 644 -5.62 -7.32 -5.85
CA LEU A 644 -4.96 -6.14 -5.32
C LEU A 644 -4.41 -5.36 -6.51
N TYR A 645 -5.08 -4.27 -6.88
CA TYR A 645 -4.63 -3.56 -8.07
C TYR A 645 -3.47 -2.65 -7.75
N TRP A 646 -2.65 -2.41 -8.77
CA TRP A 646 -1.60 -1.41 -8.70
C TRP A 646 -2.20 -0.10 -9.23
N GLN A 647 -2.20 1.00 -8.49
CA GLN A 647 -1.70 1.12 -7.11
C GLN A 647 -2.73 1.93 -6.33
N LEU A 648 -2.58 1.98 -5.00
CA LEU A 648 -3.48 2.81 -4.20
C LEU A 648 -3.18 4.29 -4.39
N ASN A 649 -1.96 4.70 -4.06
CA ASN A 649 -1.67 6.09 -3.78
C ASN A 649 -0.48 6.58 -4.60
N ASP A 650 -0.33 7.91 -4.60
CA ASP A 650 0.76 8.58 -5.30
C ASP A 650 1.79 9.10 -4.32
N ILE A 651 3.04 9.16 -4.78
CA ILE A 651 4.10 9.77 -4.00
C ILE A 651 4.30 11.24 -4.38
N TRP A 652 3.86 11.64 -5.56
CA TRP A 652 3.88 13.03 -5.97
C TRP A 652 2.89 13.23 -7.13
N GLN A 653 2.87 14.44 -7.67
CA GLN A 653 1.93 14.79 -8.73
C GLN A 653 2.50 14.34 -10.08
N ALA A 654 1.93 13.28 -10.63
CA ALA A 654 2.42 12.72 -11.88
C ALA A 654 1.42 11.67 -12.35
N PRO A 655 1.43 11.31 -13.64
CA PRO A 655 0.59 10.21 -14.10
C PRO A 655 1.03 8.91 -13.46
N SER A 656 0.05 8.12 -13.02
CA SER A 656 0.36 6.88 -12.31
C SER A 656 -0.86 5.97 -12.39
N TRP A 657 -0.71 4.78 -11.79
CA TRP A 657 -1.76 3.78 -11.71
C TRP A 657 -2.65 3.97 -10.49
N ALA A 658 -2.48 5.08 -9.77
CA ALA A 658 -3.13 5.27 -8.49
C ALA A 658 -4.60 5.63 -8.65
N SER A 659 -5.37 5.34 -7.60
CA SER A 659 -6.74 5.84 -7.48
C SER A 659 -6.84 7.00 -6.49
N LEU A 660 -5.77 7.28 -5.75
CA LEU A 660 -5.69 8.37 -4.78
C LEU A 660 -4.54 9.28 -5.20
N GLU A 661 -4.89 10.47 -5.69
CA GLU A 661 -3.87 11.42 -6.13
C GLU A 661 -3.04 11.87 -4.93
N TYR A 662 -1.84 12.37 -5.22
CA TYR A 662 -1.03 12.96 -4.17
C TYR A 662 -1.80 14.12 -3.54
N GLY A 663 -1.97 14.05 -2.21
CA GLY A 663 -2.84 14.94 -1.49
C GLY A 663 -4.09 14.26 -0.99
N GLY A 664 -4.42 13.07 -1.51
CA GLY A 664 -5.52 12.27 -1.02
C GLY A 664 -6.76 12.31 -1.89
N LYS A 665 -6.78 13.20 -2.89
CA LYS A 665 -7.98 13.38 -3.70
C LYS A 665 -8.32 12.11 -4.47
N TRP A 666 -9.60 11.76 -4.46
CA TRP A 666 -10.06 10.56 -5.15
C TRP A 666 -10.05 10.78 -6.66
N LYS A 667 -9.40 9.87 -7.38
CA LYS A 667 -9.66 9.76 -8.80
C LYS A 667 -10.96 9.00 -9.01
N MET A 668 -11.41 8.95 -10.26
CA MET A 668 -12.64 8.23 -10.56
C MET A 668 -12.50 6.73 -10.28
N LEU A 669 -11.30 6.18 -10.49
CA LEU A 669 -11.09 4.77 -10.17
C LEU A 669 -11.50 4.45 -8.74
N HIS A 670 -11.16 5.32 -7.78
CA HIS A 670 -11.47 5.03 -6.39
C HIS A 670 -12.97 4.95 -6.17
N TYR A 671 -13.74 5.80 -6.85
CA TYR A 671 -15.19 5.72 -6.75
C TYR A 671 -15.68 4.39 -7.33
N PHE A 672 -15.12 3.98 -8.47
CA PHE A 672 -15.45 2.67 -9.02
C PHE A 672 -15.02 1.55 -8.08
N ALA A 673 -13.91 1.74 -7.38
CA ALA A 673 -13.44 0.73 -6.44
C ALA A 673 -14.45 0.50 -5.33
N ARG A 674 -14.96 1.58 -4.73
CA ARG A 674 -15.99 1.45 -3.72
C ARG A 674 -17.17 0.63 -4.22
N ARG A 675 -17.42 0.65 -5.53
CA ARG A 675 -18.57 -0.05 -6.08
C ARG A 675 -18.26 -1.50 -6.42
N PHE A 676 -17.12 -1.79 -7.07
CA PHE A 676 -16.85 -3.16 -7.44
C PHE A 676 -16.24 -3.99 -6.31
N PHE A 677 -15.96 -3.38 -5.15
CA PHE A 677 -15.53 -4.13 -3.96
C PHE A 677 -16.67 -4.27 -2.95
N ALA A 678 -17.92 -4.12 -3.38
CA ALA A 678 -19.05 -4.30 -2.49
C ALA A 678 -19.22 -5.77 -2.11
N PRO A 679 -19.82 -6.06 -0.96
CA PRO A 679 -19.96 -7.46 -0.54
C PRO A 679 -20.92 -8.28 -1.39
N LEU A 680 -21.88 -7.63 -2.04
CA LEU A 680 -22.79 -8.32 -2.96
C LEU A 680 -22.86 -7.49 -4.23
N LEU A 681 -22.53 -8.11 -5.37
CA LEU A 681 -22.37 -7.36 -6.59
C LEU A 681 -22.78 -8.18 -7.82
N PRO A 682 -23.67 -7.65 -8.67
CA PRO A 682 -23.88 -8.29 -9.98
C PRO A 682 -22.92 -7.72 -11.01
N VAL A 683 -22.25 -8.57 -11.77
CA VAL A 683 -21.30 -8.15 -12.79
C VAL A 683 -21.75 -8.72 -14.12
N GLY A 684 -21.74 -7.89 -15.16
CA GLY A 684 -22.22 -8.29 -16.47
C GLY A 684 -21.11 -8.24 -17.49
N PHE A 685 -21.23 -9.10 -18.50
CA PHE A 685 -20.25 -9.21 -19.58
C PHE A 685 -20.86 -10.06 -20.68
N GLU A 686 -20.11 -10.22 -21.78
CA GLU A 686 -20.55 -11.03 -22.90
C GLU A 686 -19.46 -12.02 -23.26
N ASP A 687 -19.87 -13.17 -23.80
CA ASP A 687 -18.96 -14.15 -24.39
C ASP A 687 -19.59 -14.67 -25.67
N GLU A 688 -19.00 -14.34 -26.81
CA GLU A 688 -19.48 -14.82 -28.11
C GLU A 688 -20.98 -14.56 -28.27
N GLY A 689 -21.39 -13.33 -28.01
CA GLY A 689 -22.72 -12.88 -28.32
C GLY A 689 -23.79 -13.19 -27.30
N VAL A 690 -23.41 -13.61 -26.09
CA VAL A 690 -24.36 -13.93 -25.03
C VAL A 690 -24.04 -13.06 -23.82
N PHE A 691 -25.02 -12.28 -23.36
CA PHE A 691 -24.86 -11.44 -22.20
C PHE A 691 -25.05 -12.27 -20.93
N TYR A 692 -24.05 -12.25 -20.05
CA TYR A 692 -24.10 -12.98 -18.80
C TYR A 692 -24.14 -12.01 -17.63
N VAL A 693 -24.65 -12.48 -16.50
CA VAL A 693 -24.63 -11.75 -15.24
C VAL A 693 -24.34 -12.75 -14.14
N TYR A 694 -23.16 -12.67 -13.55
CA TYR A 694 -22.85 -13.41 -12.33
C TYR A 694 -23.24 -12.59 -11.11
N GLY A 695 -23.48 -13.29 -10.01
CA GLY A 695 -23.62 -12.68 -8.70
C GLY A 695 -22.39 -13.02 -7.86
N VAL A 696 -21.86 -12.00 -7.19
CA VAL A 696 -20.65 -12.14 -6.38
C VAL A 696 -21.00 -11.81 -4.93
N SER A 697 -20.57 -12.66 -4.01
CA SER A 697 -20.89 -12.51 -2.60
C SER A 697 -19.63 -12.62 -1.76
N ASP A 698 -19.47 -11.70 -0.81
CA ASP A 698 -18.55 -11.85 0.30
C ASP A 698 -19.28 -12.16 1.60
N LEU A 699 -20.58 -12.43 1.52
CA LEU A 699 -21.39 -12.65 2.71
C LEU A 699 -21.19 -14.06 3.23
N HIS A 700 -21.42 -14.22 4.54
CA HIS A 700 -21.18 -15.49 5.20
C HIS A 700 -22.39 -16.43 5.19
N LYS A 701 -23.57 -15.93 4.84
CA LYS A 701 -24.76 -16.75 4.67
C LYS A 701 -25.29 -16.59 3.26
N ASP A 702 -25.90 -17.65 2.74
CA ASP A 702 -26.53 -17.59 1.42
C ASP A 702 -27.57 -16.48 1.41
N HIS A 703 -27.57 -15.69 0.34
CA HIS A 703 -28.42 -14.51 0.22
C HIS A 703 -29.39 -14.69 -0.93
N HIS A 704 -30.67 -14.39 -0.69
CA HIS A 704 -31.71 -14.48 -1.69
C HIS A 704 -32.17 -13.07 -2.03
N THR A 705 -32.20 -12.74 -3.32
CA THR A 705 -32.51 -11.38 -3.74
C THR A 705 -33.20 -11.44 -5.10
N GLN A 706 -33.27 -10.29 -5.78
CA GLN A 706 -34.03 -10.14 -7.01
C GLN A 706 -33.18 -9.41 -8.03
N LEU A 707 -32.92 -10.05 -9.17
CA LEU A 707 -32.10 -9.46 -10.23
C LEU A 707 -33.01 -8.77 -11.24
N THR A 708 -32.94 -7.45 -11.30
CA THR A 708 -33.61 -6.68 -12.33
C THR A 708 -32.62 -6.34 -13.45
N VAL A 709 -33.07 -6.47 -14.69
CA VAL A 709 -32.29 -6.09 -15.86
C VAL A 709 -33.13 -5.17 -16.72
N ARG A 710 -32.50 -4.12 -17.25
CA ARG A 710 -33.22 -3.13 -18.04
C ARG A 710 -32.31 -2.62 -19.14
N LEU A 711 -32.92 -2.18 -20.24
CA LEU A 711 -32.24 -1.43 -21.28
C LEU A 711 -32.77 -0.01 -21.32
N HIS A 712 -31.96 0.90 -21.86
CA HIS A 712 -32.34 2.29 -21.96
C HIS A 712 -31.78 2.87 -23.26
N HIS A 713 -32.65 3.52 -24.03
CA HIS A 713 -32.21 4.30 -25.16
C HIS A 713 -31.54 5.58 -24.66
N TRP A 714 -30.46 5.98 -25.32
CA TRP A 714 -29.79 7.22 -24.96
C TRP A 714 -30.76 8.41 -25.00
N SER A 715 -31.91 8.24 -25.66
CA SER A 715 -32.86 9.34 -25.81
C SER A 715 -33.40 9.81 -24.46
N SER A 716 -33.82 8.88 -23.62
CA SER A 716 -34.48 9.25 -22.37
C SER A 716 -34.38 8.09 -21.40
N PRO A 717 -34.68 8.33 -20.10
CA PRO A 717 -34.51 7.28 -19.08
C PRO A 717 -35.71 6.35 -18.95
N LYS A 718 -36.30 5.91 -20.05
CA LYS A 718 -37.43 4.99 -19.98
C LYS A 718 -36.95 3.59 -20.26
N PRO A 719 -37.13 2.62 -19.36
CA PRO A 719 -36.77 1.23 -19.68
C PRO A 719 -37.61 0.70 -20.83
N LEU A 720 -36.92 0.27 -21.89
CA LEU A 720 -37.60 -0.42 -22.98
C LEU A 720 -37.93 -1.86 -22.63
N CYS A 721 -37.62 -2.29 -21.42
CA CYS A 721 -37.93 -3.62 -20.92
C CYS A 721 -37.55 -3.65 -19.45
N SER A 722 -37.80 -4.78 -18.80
CA SER A 722 -37.51 -4.92 -17.38
C SER A 722 -37.58 -6.38 -16.95
N LEU A 723 -36.53 -7.13 -17.26
CA LEU A 723 -36.48 -8.54 -16.89
C LEU A 723 -36.16 -8.68 -15.41
N VAL A 724 -36.95 -9.49 -14.70
CA VAL A 724 -36.85 -9.57 -13.24
C VAL A 724 -36.97 -11.02 -12.79
N ASN A 725 -35.83 -11.71 -12.68
CA ASN A 725 -35.81 -13.01 -12.04
C ASN A 725 -35.70 -12.83 -10.53
N SER A 726 -36.64 -13.43 -9.80
CA SER A 726 -36.67 -13.33 -8.34
C SER A 726 -36.32 -14.65 -7.66
N SER A 727 -35.82 -15.64 -8.41
CA SER A 727 -35.36 -16.90 -7.85
C SER A 727 -33.85 -16.91 -7.67
N ILE A 728 -33.30 -15.77 -7.27
CA ILE A 728 -31.86 -15.59 -7.19
C ILE A 728 -31.38 -15.97 -5.80
N VAL A 729 -30.38 -16.86 -5.74
CA VAL A 729 -29.65 -17.14 -4.52
C VAL A 729 -28.17 -17.19 -4.85
N VAL A 730 -27.37 -16.38 -4.15
CA VAL A 730 -25.92 -16.45 -4.22
C VAL A 730 -25.43 -17.08 -2.93
N LYS A 731 -24.65 -18.14 -3.05
CA LYS A 731 -24.15 -18.82 -1.86
C LYS A 731 -23.10 -17.96 -1.16
N ALA A 732 -22.79 -18.35 0.07
CA ALA A 732 -21.91 -17.56 0.92
C ALA A 732 -20.52 -17.47 0.32
N GLY A 733 -20.06 -16.23 0.10
CA GLY A 733 -18.70 -16.01 -0.36
C GLY A 733 -18.39 -16.53 -1.75
N GLU A 734 -19.41 -16.75 -2.58
CA GLU A 734 -19.22 -17.41 -3.87
C GLU A 734 -19.60 -16.48 -5.01
N ALA A 735 -19.32 -16.97 -6.23
CA ALA A 735 -19.75 -16.33 -7.46
C ALA A 735 -20.47 -17.36 -8.31
N VAL A 736 -21.59 -16.96 -8.92
CA VAL A 736 -22.41 -17.90 -9.67
C VAL A 736 -23.12 -17.14 -10.78
N VAL A 737 -23.28 -17.80 -11.92
CA VAL A 737 -24.02 -17.23 -13.03
C VAL A 737 -25.50 -17.14 -12.67
N LEU A 738 -26.09 -15.96 -12.86
CA LEU A 738 -27.49 -15.73 -12.53
C LEU A 738 -28.34 -15.36 -13.72
N PHE A 739 -27.74 -15.10 -14.87
CA PHE A 739 -28.48 -14.64 -16.05
C PHE A 739 -27.70 -15.05 -17.29
N GLN A 740 -28.42 -15.25 -18.38
CA GLN A 740 -27.81 -15.76 -19.61
C GLN A 740 -28.76 -15.60 -20.78
N MET A 741 -28.31 -14.92 -21.84
CA MET A 741 -29.19 -14.69 -22.99
C MET A 741 -28.41 -14.24 -24.22
N PRO A 742 -28.82 -14.64 -25.42
CA PRO A 742 -28.20 -14.07 -26.62
C PRO A 742 -28.46 -12.58 -26.71
N VAL A 743 -27.59 -11.90 -27.45
CA VAL A 743 -27.72 -10.46 -27.61
C VAL A 743 -28.89 -10.11 -28.53
N SER A 744 -29.02 -10.83 -29.64
CA SER A 744 -30.15 -10.62 -30.53
C SER A 744 -31.46 -10.81 -29.77
N GLU A 745 -31.55 -11.85 -28.93
CA GLU A 745 -32.75 -12.06 -28.14
C GLU A 745 -32.97 -10.95 -27.14
N LEU A 746 -31.88 -10.40 -26.59
CA LEU A 746 -32.01 -9.34 -25.59
C LEU A 746 -32.54 -8.06 -26.22
N LEU A 747 -32.10 -7.76 -27.45
CA LEU A 747 -32.56 -6.54 -28.11
C LEU A 747 -34.02 -6.67 -28.55
N LYS A 748 -34.38 -7.81 -29.15
CA LYS A 748 -35.76 -8.01 -29.60
C LYS A 748 -36.73 -7.88 -28.44
N ARG A 749 -36.38 -8.43 -27.28
CA ARG A 749 -37.22 -8.29 -26.08
C ARG A 749 -37.27 -6.87 -25.56
N CYS A 750 -36.53 -5.93 -26.18
CA CYS A 750 -36.54 -4.53 -25.81
C CYS A 750 -36.57 -3.71 -27.11
N ARG A 751 -37.72 -3.75 -27.79
CA ARG A 751 -37.84 -3.15 -29.11
C ARG A 751 -37.44 -1.68 -29.07
N GLY A 752 -36.71 -1.26 -30.10
CA GLY A 752 -36.13 0.08 -30.14
C GLY A 752 -34.72 0.15 -29.63
N CYS A 753 -33.98 -0.95 -29.66
CA CYS A 753 -32.63 -1.00 -29.12
C CYS A 753 -31.66 -1.54 -30.15
N THR A 754 -30.53 -0.85 -30.32
CA THR A 754 -29.38 -1.34 -31.05
C THR A 754 -28.20 -1.37 -30.10
N ARG A 755 -27.18 -2.18 -30.45
CA ARG A 755 -25.92 -2.11 -29.73
C ARG A 755 -25.46 -0.67 -29.60
N GLU A 756 -25.62 0.12 -30.66
CA GLU A 756 -25.13 1.49 -30.70
C GLU A 756 -26.15 2.51 -30.20
N THR A 757 -27.30 2.08 -29.69
CA THR A 757 -28.32 2.99 -29.21
C THR A 757 -28.78 2.74 -27.78
N CYS A 758 -28.58 1.54 -27.23
CA CYS A 758 -29.07 1.21 -25.91
C CYS A 758 -27.93 0.82 -24.98
N VAL A 759 -28.22 0.84 -23.69
CA VAL A 759 -27.27 0.51 -22.64
C VAL A 759 -27.95 -0.42 -21.65
N VAL A 760 -27.23 -1.42 -21.19
CA VAL A 760 -27.76 -2.39 -20.24
C VAL A 760 -27.59 -1.84 -18.83
N SER A 761 -28.52 -2.22 -17.95
CA SER A 761 -28.45 -1.84 -16.54
C SER A 761 -29.04 -2.96 -15.70
N PHE A 762 -28.51 -3.14 -14.50
CA PHE A 762 -28.99 -4.20 -13.63
C PHE A 762 -28.60 -3.90 -12.19
N TYR A 763 -29.29 -4.55 -11.27
CA TYR A 763 -29.12 -4.30 -9.84
C TYR A 763 -29.85 -5.37 -9.05
N PHE A 764 -29.43 -5.55 -7.80
CA PHE A 764 -30.18 -6.31 -6.82
C PHE A 764 -31.09 -5.38 -6.03
N SER A 765 -31.95 -5.98 -5.23
CA SER A 765 -32.79 -5.25 -4.27
C SER A 765 -32.35 -5.66 -2.88
N THR A 766 -31.76 -4.72 -2.13
CA THR A 766 -31.06 -5.04 -0.90
C THR A 766 -31.73 -4.35 0.29
N ASP A 767 -31.17 -4.61 1.47
CA ASP A 767 -31.89 -4.46 2.73
C ASP A 767 -31.93 -3.03 3.27
N LYS A 768 -30.97 -2.19 2.90
CA LYS A 768 -30.67 -0.93 3.58
C LYS A 768 -29.58 -1.18 4.60
N GLU A 769 -29.42 -2.43 5.01
CA GLU A 769 -28.28 -2.86 5.81
C GLU A 769 -27.20 -3.51 4.96
N LEU A 770 -27.38 -3.57 3.64
CA LEU A 770 -26.46 -4.23 2.74
C LEU A 770 -26.21 -3.33 1.54
N PHE A 771 -24.94 -3.13 1.20
CA PHE A 771 -24.54 -2.26 0.11
C PHE A 771 -24.32 -3.10 -1.15
N SER A 772 -25.21 -2.94 -2.13
CA SER A 772 -25.09 -3.60 -3.42
C SER A 772 -25.48 -2.57 -4.49
N PRO A 773 -24.52 -1.95 -5.17
CA PRO A 773 -24.84 -0.80 -6.02
C PRO A 773 -25.38 -1.21 -7.37
N THR A 774 -25.83 -0.20 -8.11
CA THR A 774 -26.15 -0.39 -9.52
C THR A 774 -24.89 -0.77 -10.30
N ASN A 775 -25.09 -1.52 -11.37
CA ASN A 775 -24.04 -1.79 -12.33
C ASN A 775 -24.61 -1.56 -13.73
N TYR A 776 -23.80 -1.79 -14.75
CA TYR A 776 -24.21 -1.51 -16.12
C TYR A 776 -23.26 -2.23 -17.06
N HIS A 777 -23.62 -2.20 -18.35
CA HIS A 777 -22.82 -2.81 -19.40
C HIS A 777 -23.07 -2.04 -20.68
N PHE A 778 -22.01 -1.87 -21.47
CA PHE A 778 -22.08 -1.12 -22.72
C PHE A 778 -22.11 -2.10 -23.90
N LEU A 779 -23.12 -1.95 -24.75
CA LEU A 779 -23.26 -2.82 -25.91
C LEU A 779 -22.34 -2.44 -27.05
N SER A 780 -21.59 -1.35 -26.92
CA SER A 780 -20.63 -0.95 -27.94
C SER A 780 -19.79 0.19 -27.39
N SER A 781 -18.66 0.43 -28.07
CA SER A 781 -17.86 1.61 -27.78
C SER A 781 -18.75 2.85 -27.77
N LEU A 782 -18.49 3.75 -26.81
CA LEU A 782 -19.28 4.96 -26.74
C LEU A 782 -18.95 5.94 -27.86
N LYS A 783 -17.74 5.85 -28.43
CA LYS A 783 -17.42 6.64 -29.60
C LYS A 783 -18.26 6.26 -30.82
N ASP A 784 -19.00 5.15 -30.73
CA ASP A 784 -19.92 4.73 -31.79
C ASP A 784 -21.37 4.82 -31.37
N ALA A 785 -21.64 5.21 -30.12
CA ALA A 785 -23.02 5.32 -29.65
C ALA A 785 -23.79 6.31 -30.52
N LYS A 786 -25.03 5.95 -30.84
CA LYS A 786 -25.91 6.77 -31.66
C LYS A 786 -27.14 7.15 -30.86
N GLY A 787 -27.59 8.39 -31.04
CA GLY A 787 -28.64 8.92 -30.21
C GLY A 787 -28.19 9.46 -28.88
N LEU A 788 -26.87 9.55 -28.66
CA LEU A 788 -26.32 10.06 -27.40
C LEU A 788 -26.56 11.56 -27.35
N LEU A 789 -27.62 11.97 -26.66
CA LEU A 789 -27.96 13.39 -26.58
C LEU A 789 -26.94 14.12 -25.72
N GLU A 790 -26.65 15.35 -26.11
CA GLU A 790 -25.71 16.19 -25.38
C GLU A 790 -26.30 16.58 -24.03
N ALA A 791 -25.63 16.18 -22.95
CA ALA A 791 -26.15 16.42 -21.61
C ALA A 791 -25.79 17.82 -21.12
N ASN A 792 -26.71 18.40 -20.34
CA ASN A 792 -26.59 19.76 -19.81
C ASN A 792 -27.05 19.67 -18.35
N ILE A 793 -26.09 19.52 -17.44
CA ILE A 793 -26.37 19.14 -16.05
C ILE A 793 -26.37 20.39 -15.18
N THR A 794 -27.40 20.54 -14.37
CA THR A 794 -27.55 21.68 -13.45
C THR A 794 -27.40 21.19 -12.02
N VAL A 795 -26.79 22.02 -11.17
CA VAL A 795 -26.43 21.63 -9.82
C VAL A 795 -26.85 22.72 -8.84
N ASN A 796 -27.37 22.29 -7.68
CA ASN A 796 -27.72 23.20 -6.59
C ASN A 796 -27.05 22.71 -5.32
N ILE A 797 -26.15 23.51 -4.77
CA ILE A 797 -25.32 23.11 -3.64
C ILE A 797 -25.93 23.65 -2.35
N SER A 798 -25.97 22.81 -1.32
CA SER A 798 -26.58 23.18 -0.06
C SER A 798 -25.87 22.44 1.07
N GLN A 799 -25.91 23.03 2.26
CA GLN A 799 -25.27 22.44 3.43
C GLN A 799 -26.30 21.78 4.32
N LYS A 800 -25.91 20.65 4.92
CA LYS A 800 -26.75 19.88 5.85
C LYS A 800 -25.82 19.31 6.92
N GLY A 801 -25.68 20.04 8.02
CA GLY A 801 -24.78 19.60 9.06
C GLY A 801 -23.34 19.77 8.61
N ASN A 802 -22.52 18.75 8.85
CA ASN A 802 -21.14 18.74 8.40
C ASN A 802 -20.99 18.32 6.95
N VAL A 803 -22.07 17.94 6.28
CA VAL A 803 -22.04 17.50 4.89
C VAL A 803 -22.66 18.57 4.01
N PHE A 804 -22.31 18.54 2.73
CA PHE A 804 -22.91 19.39 1.72
C PHE A 804 -23.66 18.51 0.71
N VAL A 805 -24.80 18.99 0.25
CA VAL A 805 -25.68 18.23 -0.63
C VAL A 805 -25.57 18.78 -2.04
N PHE A 806 -25.48 17.87 -3.02
CA PHE A 806 -25.35 18.22 -4.43
C PHE A 806 -26.53 17.64 -5.19
N ASP A 807 -27.53 18.46 -5.47
CA ASP A 807 -28.71 18.04 -6.22
C ASP A 807 -28.46 18.27 -7.71
N LEU A 808 -28.60 17.23 -8.51
CA LEU A 808 -28.25 17.27 -9.92
C LEU A 808 -29.50 17.07 -10.79
N GLU A 809 -29.40 17.57 -12.02
CA GLU A 809 -30.44 17.39 -13.03
C GLU A 809 -29.78 17.41 -14.39
N THR A 810 -30.06 16.39 -15.22
CA THR A 810 -29.43 16.25 -16.52
C THR A 810 -30.47 16.28 -17.62
N SER A 811 -30.09 16.87 -18.77
CA SER A 811 -30.98 16.90 -19.92
C SER A 811 -31.07 15.54 -20.60
N ALA A 812 -30.04 14.70 -20.45
CA ALA A 812 -29.99 13.41 -21.11
C ALA A 812 -29.32 12.40 -20.19
N VAL A 813 -29.52 11.13 -20.52
CA VAL A 813 -28.75 10.05 -19.92
C VAL A 813 -27.28 10.41 -20.12
N ALA A 814 -26.59 10.76 -19.02
CA ALA A 814 -25.22 11.25 -19.09
C ALA A 814 -24.27 10.20 -18.55
N PRO A 815 -23.37 9.64 -19.37
CA PRO A 815 -22.39 8.69 -18.84
C PRO A 815 -21.16 9.39 -18.27
N PHE A 816 -20.69 8.86 -17.15
CA PHE A 816 -19.47 9.33 -16.50
C PHE A 816 -19.60 10.78 -16.04
N VAL A 817 -20.69 11.07 -15.33
CA VAL A 817 -20.82 12.37 -14.69
C VAL A 817 -19.72 12.51 -13.67
N TRP A 818 -18.95 13.60 -13.78
CA TRP A 818 -17.77 13.82 -12.93
C TRP A 818 -17.89 15.15 -12.22
N LEU A 819 -18.03 15.10 -10.90
CA LEU A 819 -18.09 16.29 -10.06
C LEU A 819 -16.70 16.59 -9.50
N ASP A 820 -16.34 17.87 -9.49
CA ASP A 820 -15.01 18.28 -9.10
C ASP A 820 -15.08 19.65 -8.43
N VAL A 821 -14.48 19.74 -7.24
CA VAL A 821 -14.43 20.99 -6.50
C VAL A 821 -12.97 21.39 -6.27
N GLY A 822 -12.12 21.06 -7.23
CA GLY A 822 -10.74 21.51 -7.18
C GLY A 822 -10.00 20.93 -6.00
N SER A 823 -9.25 21.79 -5.31
CA SER A 823 -8.40 21.37 -4.20
C SER A 823 -9.11 21.46 -2.85
N ILE A 824 -10.42 21.72 -2.84
CA ILE A 824 -11.19 21.71 -1.60
C ILE A 824 -11.10 20.30 -1.02
N PRO A 825 -10.42 20.09 0.11
CA PRO A 825 -10.21 18.71 0.61
C PRO A 825 -11.52 18.01 0.90
N GLY A 826 -11.73 16.88 0.23
CA GLY A 826 -12.91 16.08 0.45
C GLY A 826 -13.10 15.09 -0.69
N ARG A 827 -14.26 14.44 -0.67
CA ARG A 827 -14.62 13.50 -1.71
C ARG A 827 -16.13 13.30 -1.68
N PHE A 828 -16.67 12.85 -2.81
CA PHE A 828 -18.10 12.74 -2.99
C PHE A 828 -18.61 11.36 -2.60
N SER A 829 -19.91 11.29 -2.33
CA SER A 829 -20.54 10.01 -2.01
C SER A 829 -20.44 9.03 -3.18
N ASP A 830 -20.39 9.55 -4.40
CA ASP A 830 -20.28 8.74 -5.60
C ASP A 830 -19.92 9.68 -6.75
N ASN A 831 -19.20 9.16 -7.73
CA ASN A 831 -18.73 10.00 -8.83
C ASN A 831 -18.42 9.12 -10.04
N GLY A 832 -18.40 9.77 -11.22
CA GLY A 832 -18.12 9.06 -12.45
C GLY A 832 -19.18 8.06 -12.85
N PHE A 833 -20.37 8.17 -12.28
CA PHE A 833 -21.43 7.20 -12.46
C PHE A 833 -22.14 7.41 -13.80
N LEU A 834 -22.79 6.35 -14.27
CA LEU A 834 -23.69 6.45 -15.40
C LEU A 834 -25.03 6.97 -14.91
N MET A 835 -25.42 8.16 -15.39
CA MET A 835 -26.60 8.85 -14.88
C MET A 835 -27.76 8.59 -15.84
N ILE A 836 -28.44 7.47 -15.63
CA ILE A 836 -29.67 7.19 -16.37
C ILE A 836 -30.77 8.14 -15.94
N ARG A 837 -31.00 8.23 -14.62
CA ARG A 837 -32.04 9.08 -14.07
C ARG A 837 -31.94 10.51 -14.57
N LYS A 838 -32.98 11.31 -14.30
CA LYS A 838 -32.97 12.74 -14.56
C LYS A 838 -32.44 13.52 -13.38
N LYS A 839 -32.73 13.08 -12.16
CA LYS A 839 -32.36 13.80 -10.95
C LYS A 839 -31.70 12.84 -9.97
N LEU A 840 -30.55 13.25 -9.42
CA LEU A 840 -29.83 12.49 -8.42
C LEU A 840 -29.33 13.44 -7.35
N SER A 841 -28.97 12.87 -6.19
CA SER A 841 -28.38 13.62 -5.10
C SER A 841 -27.18 12.85 -4.57
N VAL A 842 -26.03 13.53 -4.50
CA VAL A 842 -24.82 12.99 -3.91
C VAL A 842 -24.34 13.96 -2.84
N LEU A 843 -23.59 13.43 -1.89
CA LEU A 843 -23.03 14.22 -0.80
C LEU A 843 -21.56 14.52 -1.04
N PHE A 844 -21.05 15.50 -0.30
CA PHE A 844 -19.63 15.83 -0.31
C PHE A 844 -19.16 15.86 1.13
N TYR A 845 -18.12 15.07 1.43
CA TYR A 845 -17.58 14.95 2.78
C TYR A 845 -16.32 15.79 2.91
N PRO A 846 -16.37 16.96 3.55
CA PRO A 846 -15.15 17.77 3.68
C PRO A 846 -14.15 17.15 4.63
N TRP A 847 -12.87 17.36 4.31
CA TRP A 847 -11.78 16.95 5.18
C TRP A 847 -11.22 18.12 5.97
N LYS A 848 -11.60 19.34 5.62
CA LYS A 848 -11.35 20.54 6.39
C LYS A 848 -12.60 21.40 6.30
N PRO A 849 -12.77 22.37 7.20
CA PRO A 849 -13.95 23.23 7.13
C PRO A 849 -14.02 23.94 5.79
N THR A 850 -15.18 23.87 5.15
CA THR A 850 -15.44 24.57 3.91
C THR A 850 -16.80 25.26 4.00
N SER A 851 -17.20 25.91 2.90
CA SER A 851 -18.46 26.63 2.86
C SER A 851 -19.14 26.37 1.53
N LYS A 852 -20.47 26.55 1.51
CA LYS A 852 -21.21 26.40 0.26
C LYS A 852 -20.72 27.37 -0.80
N SER A 853 -20.37 28.60 -0.39
CA SER A 853 -19.84 29.57 -1.35
C SER A 853 -18.55 29.06 -1.97
N GLU A 854 -17.58 28.65 -1.13
CA GLU A 854 -16.33 28.10 -1.64
C GLU A 854 -16.57 26.97 -2.62
N LEU A 855 -17.52 26.08 -2.31
CA LEU A 855 -17.76 24.92 -3.17
C LEU A 855 -18.37 25.34 -4.50
N GLN A 856 -19.31 26.29 -4.48
CA GLN A 856 -19.89 26.78 -5.73
C GLN A 856 -18.82 27.41 -6.62
N GLN A 857 -17.93 28.20 -6.02
CA GLN A 857 -16.94 28.93 -6.81
C GLN A 857 -15.96 27.98 -7.50
N ALA A 858 -15.67 26.83 -6.88
CA ALA A 858 -14.72 25.87 -7.41
C ALA A 858 -15.38 24.72 -8.17
N PHE A 859 -16.71 24.65 -8.19
CA PHE A 859 -17.39 23.48 -8.69
C PHE A 859 -17.35 23.41 -10.22
N SER A 860 -17.41 22.18 -10.73
CA SER A 860 -17.52 21.93 -12.15
C SER A 860 -18.03 20.51 -12.35
N VAL A 861 -18.96 20.34 -13.28
CA VAL A 861 -19.51 19.03 -13.62
C VAL A 861 -19.16 18.72 -15.06
N THR A 862 -18.82 17.46 -15.32
CA THR A 862 -18.40 17.02 -16.65
C THR A 862 -19.11 15.71 -16.97
N SER A 863 -19.44 15.54 -18.25
CA SER A 863 -19.95 14.28 -18.76
C SER A 863 -19.27 13.99 -20.10
N LEU A 864 -19.43 12.76 -20.57
CA LEU A 864 -18.64 12.30 -21.71
C LEU A 864 -18.82 13.20 -22.93
N THR A 865 -20.05 13.66 -23.19
CA THR A 865 -20.31 14.44 -24.38
C THR A 865 -19.59 15.79 -24.37
N ASP A 866 -19.21 16.29 -23.19
CA ASP A 866 -18.55 17.58 -23.11
C ASP A 866 -17.14 17.56 -23.68
N THR A 867 -16.62 16.39 -24.06
CA THR A 867 -15.23 16.28 -24.47
C THR A 867 -15.02 16.41 -25.98
N TYR A 868 -16.06 16.19 -26.78
CA TYR A 868 -15.95 16.33 -28.23
C TYR A 868 -17.01 17.29 -28.78
C1 NAG B . 38.16 16.15 17.50
C2 NAG B . 39.04 17.39 17.48
C3 NAG B . 40.17 17.23 16.48
C4 NAG B . 40.94 15.94 16.77
C5 NAG B . 40.00 14.76 16.83
C6 NAG B . 40.69 13.47 17.25
C7 NAG B . 37.90 19.50 18.07
C8 NAG B . 37.10 20.66 17.55
N2 NAG B . 38.25 18.58 17.16
O3 NAG B . 41.05 18.34 16.56
O4 NAG B . 41.93 15.73 15.76
O5 NAG B . 38.97 15.00 17.79
O6 NAG B . 39.76 12.42 17.50
O7 NAG B . 38.21 19.41 19.25
H1 NAG B . 37.74 16.04 16.63
H2 NAG B . 39.43 17.51 18.37
H3 NAG B . 39.80 17.17 15.58
H4 NAG B . 41.39 16.04 17.63
H5 NAG B . 39.60 14.62 15.94
H61 NAG B . 41.19 13.65 18.06
H62 NAG B . 41.30 13.20 16.55
H81 NAG B . 36.26 20.33 17.16
H82 NAG B . 37.60 21.13 16.87
H83 NAG B . 36.89 21.27 18.28
HN2 NAG B . 37.99 18.70 16.30
HO3 NAG B . 41.58 18.35 15.84
HO4 NAG B . 42.67 16.16 15.96
C1 FUC B . 39.61 11.59 16.32
C2 FUC B . 38.93 10.26 16.73
C3 FUC B . 37.48 10.51 17.19
C4 FUC B . 36.71 11.31 16.12
C5 FUC B . 37.49 12.57 15.73
C6 FUC B . 36.89 13.31 14.56
O2 FUC B . 39.67 9.55 17.72
O3 FUC B . 36.80 9.27 17.38
O4 FUC B . 36.49 10.51 14.97
O5 FUC B . 38.84 12.26 15.35
H1 FUC B . 40.59 11.41 15.86
H2 FUC B . 38.89 9.62 15.84
H3 FUC B . 37.50 11.08 18.13
H4 FUC B . 35.74 11.63 16.55
H5 FUC B . 37.52 13.21 16.62
H61 FUC B . 37.49 14.20 14.32
H62 FUC B . 35.87 13.63 14.81
H63 FUC B . 36.84 12.67 13.68
HO2 FUC B . 39.43 9.96 18.56
HO3 FUC B . 37.17 8.66 16.72
HO4 FUC B . 35.79 10.96 14.48
C1 NAG C . -7.68 -0.61 26.92
C2 NAG C . -8.98 -0.19 27.58
C3 NAG C . -9.55 1.01 26.86
C4 NAG C . -8.55 2.16 26.93
C5 NAG C . -7.16 1.73 26.42
C6 NAG C . -6.10 2.73 26.79
C7 NAG C . -10.24 -1.93 28.76
C8 NAG C . -11.27 -3.01 28.66
N2 NAG C . -9.95 -1.27 27.63
O3 NAG C . -10.77 1.40 27.47
O4 NAG C . -9.00 3.26 26.15
O5 NAG C . -6.75 0.47 26.99
O6 NAG C . -4.93 2.59 26.00
O7 NAG C . -9.70 -1.65 29.83
H1 NAG C . -7.86 -0.82 25.98
H2 NAG C . -8.78 0.08 28.50
H3 NAG C . -9.71 0.78 25.93
H4 NAG C . -8.46 2.45 27.86
H5 NAG C . -7.20 1.65 25.45
H61 NAG C . -5.87 2.61 27.73
H62 NAG C . -6.45 3.63 26.67
H81 NAG C . -10.96 -3.69 28.02
H82 NAG C . -12.11 -2.63 28.34
H83 NAG C . -11.41 -3.41 29.53
HN2 NAG C . -10.38 -1.51 26.87
HO3 NAG C . -10.95 2.24 27.27
HO6 NAG C . -4.44 3.32 26.05
C1 NAG C . -9.00 4.50 26.90
C2 NAG C . -8.70 5.68 25.96
C3 NAG C . -8.81 7.00 26.71
C4 NAG C . -10.13 7.09 27.48
C5 NAG C . -10.30 5.86 28.35
C6 NAG C . -11.62 5.83 29.09
C7 NAG C . -7.17 5.13 24.12
C8 NAG C . -5.73 5.06 23.69
N2 NAG C . -7.38 5.55 25.37
O3 NAG C . -8.73 8.07 25.77
O4 NAG C . -10.12 8.25 28.32
O5 NAG C . -10.27 4.69 27.53
O6 NAG C . -12.20 4.54 29.10
O7 NAG C . -8.08 4.84 23.36
H1 NAG C . -8.31 4.45 27.59
H2 NAG C . -9.37 5.67 25.25
H3 NAG C . -8.07 7.08 27.34
H4 NAG C . -10.86 7.15 26.85
H5 NAG C . -9.57 5.82 29.00
H61 NAG C . -12.24 6.45 28.66
H62 NAG C . -11.47 6.12 30.02
H81 NAG C . -5.25 4.45 24.26
H82 NAG C . -5.32 5.96 23.76
H83 NAG C . -5.68 4.76 22.76
HN2 NAG C . -6.66 5.75 25.88
HO3 NAG C . -8.23 8.72 26.11
HO6 NAG C . -12.45 4.32 28.28
C1 NAG D . -28.42 24.40 -20.35
C2 NAG D . -29.00 25.29 -21.44
C3 NAG D . -29.03 26.72 -20.94
C4 NAG D . -29.98 26.78 -19.76
C5 NAG D . -29.55 25.81 -18.66
C6 NAG D . -30.64 25.63 -17.61
C7 NAG D . -27.02 25.51 -22.91
C8 NAG D . -26.52 25.33 -24.31
N2 NAG D . -28.30 25.18 -22.71
O3 NAG D . -29.43 27.61 -21.98
O4 NAG D . -30.07 28.11 -19.24
O5 NAG D . -29.27 24.49 -19.16
O6 NAG D . -31.79 25.02 -18.19
O7 NAG D . -26.30 25.93 -22.01
H1 NAG D . -27.52 24.71 -20.13
H2 NAG D . -29.92 25.02 -21.58
H3 NAG D . -28.13 26.97 -20.64
H4 NAG D . -30.88 26.52 -20.07
H5 NAG D . -28.76 26.16 -18.22
H61 NAG D . -30.89 26.50 -17.25
H62 NAG D . -30.30 25.07 -16.89
H81 NAG D . -27.05 25.89 -24.93
H82 NAG D . -26.60 24.39 -24.58
H83 NAG D . -25.58 25.59 -24.36
HN2 NAG D . -28.77 24.88 -23.43
HO3 NAG D . -28.96 28.35 -21.93
C1 NAG D . -31.40 28.65 -19.38
C2 NAG D . -31.64 29.72 -18.31
C3 NAG D . -33.01 30.37 -18.49
C4 NAG D . -33.20 30.85 -19.92
C5 NAG D . -32.94 29.70 -20.89
C6 NAG D . -33.06 30.10 -22.35
C7 NAG D . -30.41 29.24 -16.24
C8 NAG D . -30.47 28.59 -14.88
N2 NAG D . -31.52 29.16 -16.98
O3 NAG D . -33.13 31.47 -17.59
O4 NAG D . -34.52 31.34 -20.11
O5 NAG D . -31.61 29.20 -20.69
O6 NAG D . -32.91 28.98 -23.20
O7 NAG D . -29.40 29.81 -16.64
H1 NAG D . -32.05 27.93 -19.24
H2 NAG D . -30.96 30.41 -18.42
H3 NAG D . -33.70 29.71 -18.29
H4 NAG D . -32.56 31.58 -20.11
H5 NAG D . -33.57 28.99 -20.70
H61 NAG D . -32.35 30.75 -22.55
H62 NAG D . -33.93 30.51 -22.49
H81 NAG D . -30.66 27.64 -14.99
H82 NAG D . -31.18 29.01 -14.36
H83 NAG D . -29.63 28.70 -14.43
HN2 NAG D . -32.24 28.72 -16.63
HO3 NAG D . -33.94 31.47 -17.23
HO4 NAG D . -34.50 32.23 -20.12
HO6 NAG D . -32.37 28.39 -22.84
C1 FUC D . -32.88 24.94 -17.24
C2 FUC D . -34.22 25.33 -17.99
C3 FUC D . -34.96 24.13 -18.65
C4 FUC D . -34.91 22.88 -17.77
C5 FUC D . -33.47 22.60 -17.41
C6 FUC D . -33.30 21.32 -16.61
O2 FUC D . -34.02 26.34 -18.95
O3 FUC D . -36.33 24.45 -18.84
O4 FUC D . -35.68 23.07 -16.59
O5 FUC D . -32.92 23.66 -16.62
H1 FUC D . -32.68 25.65 -16.42
H2 FUC D . -34.91 25.75 -17.24
H3 FUC D . -34.48 23.91 -19.62
H4 FUC D . -35.29 22.02 -18.35
H5 FUC D . -32.91 22.54 -18.35
H61 FUC D . -33.87 21.37 -15.68
H62 FUC D . -32.24 21.16 -16.37
H63 FUC D . -33.66 20.46 -17.18
HO2 FUC D . -34.79 26.32 -19.53
HO3 FUC D . -36.70 24.53 -17.95
HO4 FUC D . -35.97 22.19 -16.33
CA CA E . 2.34 -17.78 -10.27
C1 NAG F . 30.86 13.32 0.32
C2 NAG F . 31.71 14.09 -0.70
C3 NAG F . 32.54 13.13 -1.56
C4 NAG F . 33.33 12.17 -0.68
C5 NAG F . 32.39 11.46 0.27
C6 NAG F . 33.09 10.54 1.24
C7 NAG F . 30.83 16.26 -1.46
C8 NAG F . 29.92 16.94 -2.44
N2 NAG F . 30.88 14.93 -1.55
O3 NAG F . 33.42 13.86 -2.38
O4 NAG F . 34.03 11.22 -1.47
O5 NAG F . 31.69 12.42 1.07
O6 NAG F . 33.54 11.25 2.40
O7 NAG F . 31.47 16.88 -0.62
H1 NAG F . 30.18 12.81 -0.16
H2 NAG F . 32.32 14.67 -0.21
H3 NAG F . 31.93 12.61 -2.12
H4 NAG F . 33.98 12.69 -0.15
H5 NAG F . 31.74 10.93 -0.24
H61 NAG F . 33.87 10.14 0.80
H62 NAG F . 32.48 9.83 1.52
H81 NAG F . 30.21 16.75 -3.34
H82 NAG F . 29.95 17.91 -2.29
H83 NAG F . 29.00 16.63 -2.31
HN2 NAG F . 30.37 14.52 -2.19
HO3 NAG F . 34.01 13.31 -2.76
HO4 NAG F . 34.89 11.23 -1.26
HO6 NAG F . 32.87 11.74 2.72
C1 NAG G . -19.04 -8.54 17.17
C2 NAG G . -19.50 -9.68 18.12
C3 NAG G . -20.93 -9.44 18.65
C4 NAG G . -21.13 -8.01 19.11
C5 NAG G . -20.75 -7.10 17.96
C6 NAG G . -20.98 -5.63 18.20
C7 NAG G . -18.67 -11.99 17.80
C8 NAG G . -18.75 -13.21 16.93
N2 NAG G . -19.44 -10.96 17.42
O3 NAG G . -21.17 -10.32 19.74
O4 NAG G . -22.49 -7.77 19.46
O5 NAG G . -19.35 -7.28 17.73
O6 NAG G . -21.33 -4.96 17.00
O7 NAG G . -17.95 -11.93 18.79
H1 NAG G . -19.50 -8.64 16.31
H2 NAG G . -18.89 -9.71 18.88
H3 NAG G . -21.57 -9.64 17.94
H4 NAG G . -20.55 -7.82 19.86
H5 NAG G . -21.23 -7.37 17.15
H61 NAG G . -20.17 -5.23 18.57
H62 NAG G . -21.71 -5.53 18.85
H81 NAG G . -18.47 -12.98 16.03
H82 NAG G . -19.67 -13.54 16.92
H83 NAG G . -18.15 -13.90 17.28
HN2 NAG G . -19.95 -11.06 16.67
HO3 NAG G . -21.95 -10.14 20.11
HO4 NAG G . -22.55 -7.73 20.35
HO6 NAG G . -21.84 -4.26 17.19
C1 NAG H . 30.17 25.53 -0.95
C2 NAG H . 30.75 26.90 -1.31
C3 NAG H . 29.73 27.71 -2.10
C4 NAG H . 29.25 26.92 -3.32
C5 NAG H . 28.74 25.54 -2.89
C6 NAG H . 28.37 24.65 -4.05
C7 NAG H . 32.44 27.63 0.30
C8 NAG H . 32.71 28.44 1.53
N2 NAG H . 31.18 27.63 -0.14
O3 NAG H . 30.32 28.94 -2.51
O4 NAG H . 28.21 27.62 -3.99
O5 NAG H . 29.75 24.85 -2.14
O6 NAG H . 27.00 24.30 -4.04
O7 NAG H . 33.33 27.01 -0.27
H1 NAG H . 29.40 25.66 -0.36
H2 NAG H . 31.52 26.76 -1.90
H3 NAG H . 28.97 27.90 -1.53
H4 NAG H . 30.00 26.79 -3.93
H5 NAG H . 27.95 25.66 -2.32
H61 NAG H . 28.91 23.84 -4.01
H62 NAG H . 28.57 25.13 -4.89
H81 NAG H . 32.18 28.10 2.27
H82 NAG H . 32.48 29.38 1.36
H83 NAG H . 33.66 28.38 1.76
HN2 NAG H . 30.56 28.12 0.32
HO3 NAG H . 30.38 29.48 -1.82
HO4 NAG H . 28.27 27.49 -4.86
HO6 NAG H . 26.77 23.99 -4.84
C1 EDO I . 10.16 6.99 0.91
O1 EDO I . 9.41 8.08 1.42
C2 EDO I . 11.33 7.52 0.08
O2 EDO I . 12.37 7.96 0.98
H11 EDO I . 10.54 6.37 1.73
H12 EDO I . 9.53 6.36 0.28
HO1 EDO I . 8.68 7.76 1.94
H21 EDO I . 11.72 6.74 -0.57
H22 EDO I . 11.00 8.35 -0.53
HO2 EDO I . 13.11 8.29 0.47
C1 EDO J . -2.05 10.04 -1.77
O1 EDO J . -1.61 9.70 -3.08
C2 EDO J . -0.83 10.12 -0.86
O2 EDO J . -0.05 8.94 -1.04
H11 EDO J . -2.55 11.01 -1.79
H12 EDO J . -2.74 9.29 -1.39
HO1 EDO J . -2.38 9.64 -3.67
H21 EDO J . -0.23 11.01 -1.11
H22 EDO J . -1.15 10.21 0.18
HO2 EDO J . 0.72 8.98 -0.47
C1 EDO K . 16.84 19.49 20.79
O1 EDO K . 15.54 19.47 21.37
C2 EDO K . 17.59 18.23 21.17
O2 EDO K . 18.96 18.54 21.43
H11 EDO K . 16.75 19.56 19.70
H12 EDO K . 17.38 20.37 21.13
HO1 EDO K . 15.05 20.26 21.13
H21 EDO K . 17.14 17.79 22.06
H22 EDO K . 17.53 17.50 20.36
HO2 EDO K . 19.43 17.74 21.67
C1 EDO L . 3.68 -0.31 -12.69
O1 EDO L . 4.54 -0.59 -13.80
C2 EDO L . 4.35 -0.74 -11.39
O2 EDO L . 5.23 0.30 -10.92
H11 EDO L . 3.45 0.75 -12.65
H12 EDO L . 2.73 -0.86 -12.81
HO1 EDO L . 4.11 -0.32 -14.62
H21 EDO L . 3.60 -0.96 -10.64
H22 EDO L . 4.93 -1.65 -11.57
HO2 EDO L . 5.65 0.02 -10.10
#